data_5B4S
#
_entry.id   5B4S
#
_cell.length_a   51.879
_cell.length_b   56.366
_cell.length_c   207.081
_cell.angle_alpha   90.00
_cell.angle_beta   90.00
_cell.angle_gamma   90.00
#
_symmetry.space_group_name_H-M   'P 21 21 21'
#
loop_
_entity.id
_entity.type
_entity.pdbx_description
1 polymer Chitosanase
2 water water
#
_entity_poly.entity_id   1
_entity_poly.type   'polypeptide(L)'
_entity_poly.pdbx_seq_one_letter_code
;(MSE)RGSHHHHHHTDPHAAAAGVIPVGDSRVYGAVFDKGRKLTVNQWQAVLS(MSE)DAYPENGTTNYQEVGPWRYCEV
DYEAAQGISDYRGDTFGPVGVTTVGDFPDYFKKAFAPYVLGKSNATNAD(MSE)LAWGVQVTGVTAGNFQADDTALDPYP
SKSRSDKNKRAALTKICGALQSAFDTQQDKYV(MSE)SHYAHIDQDKLVPVLNALKGIGFTAFDRYNLVGLAFQVQVNTG
SIGSISAFSSVKSAGNCGSLSAETCFATYLTDQYIRWLKSSSLGDDPDNCWRAS(MSE)ALDIYKKDPT(MSE)GSVSVV
NQVINASYPGNSGKCPTSGIKWSKN(MSE)SWQ
;
_entity_poly.pdbx_strand_id   A,B
#
# COMPACT_ATOMS: atom_id res chain seq x y z
N ALA A 17 -32.06 17.91 -17.53
CA ALA A 17 -31.22 18.13 -18.70
C ALA A 17 -30.72 16.82 -19.30
N ALA A 18 -30.05 16.91 -20.44
CA ALA A 18 -29.50 15.74 -21.10
C ALA A 18 -28.32 15.18 -20.30
N GLY A 19 -28.18 13.86 -20.31
CA GLY A 19 -27.06 13.21 -19.65
C GLY A 19 -25.92 12.99 -20.63
N VAL A 20 -24.84 12.38 -20.15
CA VAL A 20 -23.76 11.96 -21.04
C VAL A 20 -24.22 10.75 -21.86
N ILE A 21 -23.46 10.38 -22.89
CA ILE A 21 -23.86 9.25 -23.74
C ILE A 21 -24.01 7.99 -22.88
N PRO A 22 -25.07 7.21 -23.15
CA PRO A 22 -25.36 6.00 -22.37
C PRO A 22 -24.54 4.83 -22.84
N VAL A 23 -24.54 3.77 -22.04
CA VAL A 23 -23.74 2.61 -22.38
C VAL A 23 -24.16 2.04 -23.74
N GLY A 24 -25.45 2.18 -24.09
CA GLY A 24 -25.97 1.65 -25.35
C GLY A 24 -25.61 2.43 -26.61
N ASP A 25 -24.97 3.59 -26.45
CA ASP A 25 -24.46 4.34 -27.60
C ASP A 25 -23.49 3.44 -28.36
N SER A 26 -23.52 3.54 -29.69
CA SER A 26 -22.71 2.65 -30.54
CA SER A 26 -22.71 2.66 -30.54
C SER A 26 -21.21 2.79 -30.30
N ARG A 27 -20.80 3.94 -29.75
CA ARG A 27 -19.39 4.19 -29.52
C ARG A 27 -18.91 3.58 -28.22
N VAL A 28 -19.85 3.15 -27.40
CA VAL A 28 -19.53 2.68 -26.05
C VAL A 28 -19.59 1.15 -25.93
N TYR A 29 -20.77 0.59 -25.73
CA TYR A 29 -20.93 -0.88 -25.59
C TYR A 29 -20.38 -1.64 -26.78
N GLY A 30 -19.50 -2.61 -26.50
CA GLY A 30 -18.94 -3.45 -27.56
C GLY A 30 -17.73 -2.84 -28.21
N ALA A 31 -17.52 -1.54 -28.00
CA ALA A 31 -16.43 -0.82 -28.64
C ALA A 31 -15.34 -0.46 -27.63
N VAL A 32 -15.65 0.45 -26.70
CA VAL A 32 -14.65 0.77 -25.66
C VAL A 32 -15.01 0.15 -24.32
N PHE A 33 -16.22 -0.42 -24.21
CA PHE A 33 -16.71 -0.92 -22.93
C PHE A 33 -17.37 -2.29 -23.14
N ASP A 34 -16.94 -3.30 -22.38
CA ASP A 34 -17.42 -4.68 -22.54
C ASP A 34 -17.21 -5.13 -23.97
N LYS A 35 -15.95 -5.19 -24.37
CA LYS A 35 -15.59 -5.45 -25.76
C LYS A 35 -16.02 -6.84 -26.23
N GLY A 36 -16.20 -7.76 -25.28
CA GLY A 36 -16.62 -9.12 -25.59
C GLY A 36 -18.09 -9.37 -25.35
N ARG A 37 -18.83 -8.30 -25.01
CA ARG A 37 -20.28 -8.36 -24.85
C ARG A 37 -20.73 -9.44 -23.86
N LYS A 38 -20.08 -9.49 -22.71
CA LYS A 38 -20.40 -10.47 -21.67
C LYS A 38 -21.75 -10.22 -21.04
N LEU A 39 -22.13 -8.94 -20.93
CA LEU A 39 -23.45 -8.53 -20.47
C LEU A 39 -24.16 -7.89 -21.65
N THR A 40 -25.48 -7.83 -21.62
CA THR A 40 -26.23 -7.11 -22.65
C THR A 40 -26.31 -5.63 -22.30
N VAL A 41 -26.78 -4.81 -23.25
CA VAL A 41 -26.96 -3.37 -23.01
C VAL A 41 -27.94 -3.11 -21.86
N ASN A 42 -29.04 -3.85 -21.82
CA ASN A 42 -30.01 -3.64 -20.77
C ASN A 42 -29.49 -4.08 -19.40
N GLN A 43 -28.66 -5.12 -19.37
CA GLN A 43 -27.96 -5.48 -18.13
C GLN A 43 -27.02 -4.37 -17.67
N TRP A 44 -26.26 -3.78 -18.59
CA TRP A 44 -25.41 -2.64 -18.20
C TRP A 44 -26.21 -1.42 -17.75
N GLN A 45 -27.34 -1.16 -18.41
CA GLN A 45 -28.21 -0.06 -17.97
C GLN A 45 -28.62 -0.27 -16.52
N ALA A 46 -29.01 -1.50 -16.18
CA ALA A 46 -29.43 -1.79 -14.83
C ALA A 46 -28.28 -1.70 -13.82
N VAL A 47 -27.14 -2.30 -14.16
CA VAL A 47 -25.99 -2.36 -13.26
C VAL A 47 -25.37 -1.00 -12.99
N LEU A 48 -25.14 -0.22 -14.04
CA LEU A 48 -24.60 1.12 -13.85
C LEU A 48 -25.59 2.04 -13.11
N SER A 49 -26.89 1.87 -13.34
CA SER A 49 -27.88 2.68 -12.62
C SER A 49 -27.87 2.32 -11.15
N MSE A 50 -27.80 1.02 -10.87
CA MSE A 50 -27.77 0.57 -9.48
C MSE A 50 -26.55 1.11 -8.75
O MSE A 50 -26.65 1.60 -7.62
CB MSE A 50 -27.77 -0.96 -9.42
CG MSE A 50 -27.72 -1.47 -8.01
SE MSE A 50 -27.35 -3.38 -8.02
CE MSE A 50 -25.46 -3.30 -8.46
N ASP A 51 -25.39 1.03 -9.41
CA ASP A 51 -24.13 1.45 -8.79
CA ASP A 51 -24.13 1.47 -8.82
C ASP A 51 -24.13 2.94 -8.48
N ALA A 52 -24.84 3.71 -9.30
CA ALA A 52 -24.86 5.16 -9.13
C ALA A 52 -25.62 5.58 -7.87
N TYR A 53 -26.53 4.75 -7.40
CA TYR A 53 -27.37 5.15 -6.28
C TYR A 53 -26.60 5.38 -4.97
N PRO A 54 -25.80 4.39 -4.52
CA PRO A 54 -25.08 4.62 -3.25
C PRO A 54 -24.06 5.72 -3.39
N GLU A 55 -23.57 5.89 -4.61
CA GLU A 55 -22.53 6.88 -4.87
C GLU A 55 -23.05 8.30 -5.04
N ASN A 56 -24.18 8.45 -5.75
CA ASN A 56 -24.67 9.78 -6.12
C ASN A 56 -26.09 10.12 -5.64
N GLY A 57 -26.79 9.15 -5.06
CA GLY A 57 -28.14 9.37 -4.59
C GLY A 57 -29.23 9.25 -5.64
N THR A 58 -28.88 8.79 -6.83
CA THR A 58 -29.84 8.64 -7.91
C THR A 58 -29.44 7.44 -8.74
N THR A 59 -30.40 6.84 -9.46
CA THR A 59 -30.03 5.77 -10.39
C THR A 59 -29.71 6.32 -11.77
N ASN A 60 -29.79 7.63 -11.93
CA ASN A 60 -29.51 8.28 -13.22
C ASN A 60 -28.00 8.40 -13.40
N TYR A 61 -27.37 7.30 -13.82
CA TYR A 61 -25.91 7.24 -13.87
C TYR A 61 -25.32 8.20 -14.92
N GLN A 62 -26.15 8.66 -15.86
CA GLN A 62 -25.67 9.52 -16.93
C GLN A 62 -25.63 11.01 -16.57
N GLU A 63 -26.12 11.39 -15.39
CA GLU A 63 -26.18 12.80 -15.03
CA GLU A 63 -26.16 12.79 -14.97
C GLU A 63 -24.80 13.44 -15.15
N VAL A 64 -24.76 14.61 -15.78
CA VAL A 64 -23.47 15.22 -16.15
C VAL A 64 -22.58 15.53 -14.97
N GLY A 65 -23.17 15.86 -13.83
CA GLY A 65 -22.41 16.30 -12.67
C GLY A 65 -21.24 15.41 -12.27
N PRO A 66 -21.53 14.13 -11.98
CA PRO A 66 -20.45 13.23 -11.56
C PRO A 66 -19.43 12.95 -12.67
N TRP A 67 -19.80 13.13 -13.93
CA TRP A 67 -18.84 12.92 -15.02
C TRP A 67 -17.86 14.09 -15.20
N ARG A 68 -18.35 15.31 -14.99
CA ARG A 68 -17.46 16.48 -15.05
C ARG A 68 -16.74 16.71 -13.72
N TYR A 69 -17.23 16.08 -12.66
CA TYR A 69 -16.68 16.27 -11.30
C TYR A 69 -15.17 16.14 -11.23
N CYS A 70 -14.53 17.13 -10.64
CA CYS A 70 -13.12 17.02 -10.30
C CYS A 70 -12.88 17.84 -9.04
N GLU A 71 -12.33 17.19 -8.02
CA GLU A 71 -12.12 17.90 -6.76
C GLU A 71 -10.68 17.78 -6.30
N VAL A 72 -10.12 18.90 -5.84
CA VAL A 72 -8.78 18.92 -5.29
C VAL A 72 -8.78 18.45 -3.83
N ASP A 73 -8.10 17.34 -3.56
CA ASP A 73 -7.96 16.80 -2.21
C ASP A 73 -9.30 16.68 -1.48
N TYR A 74 -10.19 15.87 -2.04
CA TYR A 74 -11.48 15.58 -1.43
C TYR A 74 -11.28 15.07 -0.01
N GLU A 75 -10.27 14.21 0.15
CA GLU A 75 -9.96 13.64 1.46
C GLU A 75 -9.76 14.73 2.52
N ALA A 76 -8.90 15.71 2.24
CA ALA A 76 -8.66 16.78 3.23
C ALA A 76 -9.93 17.54 3.56
N ALA A 77 -10.76 17.79 2.54
CA ALA A 77 -11.98 18.55 2.73
C ALA A 77 -12.91 17.85 3.70
N GLN A 78 -12.79 16.53 3.77
CA GLN A 78 -13.69 15.69 4.58
C GLN A 78 -13.00 15.13 5.82
N GLY A 79 -11.81 15.62 6.12
CA GLY A 79 -11.08 15.21 7.32
C GLY A 79 -10.60 13.77 7.28
N ILE A 80 -10.36 13.27 6.06
CA ILE A 80 -9.76 11.94 5.86
C ILE A 80 -8.26 12.09 5.72
N SER A 81 -7.50 11.24 6.38
CA SER A 81 -6.04 11.41 6.45
C SER A 81 -5.31 11.02 5.16
N ASP A 82 -5.82 9.99 4.48
CA ASP A 82 -5.20 9.50 3.25
C ASP A 82 -5.10 10.62 2.23
N TYR A 83 -3.99 10.68 1.50
CA TYR A 83 -3.84 11.67 0.43
C TYR A 83 -3.93 10.98 -0.92
N ARG A 84 -4.84 11.46 -1.77
CA ARG A 84 -5.08 10.86 -3.07
C ARG A 84 -4.97 11.88 -4.22
N GLY A 85 -4.67 13.13 -3.92
CA GLY A 85 -4.54 14.12 -4.97
C GLY A 85 -5.88 14.65 -5.45
N ASP A 86 -6.10 14.65 -6.76
CA ASP A 86 -7.40 15.05 -7.29
C ASP A 86 -8.25 13.81 -7.51
N THR A 87 -9.55 13.95 -7.27
CA THR A 87 -10.49 12.87 -7.53
C THR A 87 -11.43 13.32 -8.62
N PHE A 88 -11.70 12.47 -9.62
CA PHE A 88 -12.53 12.94 -10.72
C PHE A 88 -13.31 11.86 -11.47
N GLY A 89 -14.40 12.28 -12.11
CA GLY A 89 -15.18 11.40 -12.95
C GLY A 89 -16.13 10.51 -12.17
N PRO A 90 -16.92 9.69 -12.88
CA PRO A 90 -18.00 8.91 -12.27
C PRO A 90 -17.51 7.82 -11.32
N VAL A 91 -16.27 7.36 -11.44
CA VAL A 91 -15.78 6.35 -10.51
C VAL A 91 -14.57 6.84 -9.70
N GLY A 92 -14.41 8.16 -9.62
CA GLY A 92 -13.41 8.74 -8.74
C GLY A 92 -11.97 8.29 -8.97
N VAL A 93 -11.49 8.42 -10.20
CA VAL A 93 -10.09 8.22 -10.49
C VAL A 93 -9.31 9.19 -9.62
N THR A 94 -8.22 8.74 -9.01
CA THR A 94 -7.42 9.64 -8.19
C THR A 94 -6.01 9.79 -8.74
N THR A 95 -5.46 10.99 -8.66
CA THR A 95 -4.15 11.23 -9.26
C THR A 95 -3.00 10.50 -8.56
N VAL A 96 -3.16 10.24 -7.26
CA VAL A 96 -2.36 9.21 -6.59
C VAL A 96 -3.25 7.98 -6.53
N GLY A 97 -2.93 6.98 -7.33
CA GLY A 97 -3.79 5.82 -7.47
C GLY A 97 -3.91 5.32 -8.90
N ASP A 98 -5.12 5.34 -9.43
CA ASP A 98 -5.35 4.76 -10.75
C ASP A 98 -5.18 5.73 -11.91
N PHE A 99 -4.82 6.98 -11.63
CA PHE A 99 -4.64 7.96 -12.71
C PHE A 99 -3.64 7.56 -13.80
N PRO A 100 -2.46 7.00 -13.43
CA PRO A 100 -1.54 6.65 -14.52
C PRO A 100 -2.16 5.68 -15.53
N ASP A 101 -2.88 4.67 -15.05
CA ASP A 101 -3.56 3.74 -15.95
C ASP A 101 -4.67 4.46 -16.72
N TYR A 102 -5.40 5.34 -16.04
CA TYR A 102 -6.43 6.12 -16.72
C TYR A 102 -5.80 6.97 -17.82
N PHE A 103 -4.69 7.62 -17.50
CA PHE A 103 -4.06 8.50 -18.49
C PHE A 103 -3.52 7.70 -19.67
N LYS A 104 -2.74 6.66 -19.40
CA LYS A 104 -2.01 5.96 -20.46
C LYS A 104 -2.93 5.13 -21.34
N LYS A 105 -3.97 4.55 -20.76
CA LYS A 105 -4.82 3.60 -21.50
C LYS A 105 -6.20 4.13 -21.88
N ALA A 106 -6.52 5.36 -21.47
CA ALA A 106 -7.86 5.89 -21.73
C ALA A 106 -7.84 7.36 -22.16
N PHE A 107 -7.35 8.24 -21.29
CA PHE A 107 -7.34 9.66 -21.63
C PHE A 107 -6.45 9.96 -22.84
N ALA A 108 -5.22 9.46 -22.84
CA ALA A 108 -4.32 9.75 -23.95
C ALA A 108 -4.85 9.24 -25.31
N PRO A 109 -5.29 7.97 -25.37
CA PRO A 109 -5.78 7.55 -26.69
C PRO A 109 -7.10 8.18 -27.12
N TYR A 110 -8.08 8.29 -26.22
CA TYR A 110 -9.40 8.79 -26.64
C TYR A 110 -9.53 10.31 -26.70
N VAL A 111 -8.86 11.03 -25.79
CA VAL A 111 -8.93 12.49 -25.79
C VAL A 111 -7.77 13.14 -26.53
N LEU A 112 -6.55 12.65 -26.27
CA LEU A 112 -5.36 13.30 -26.86
C LEU A 112 -4.95 12.70 -28.20
N GLY A 113 -5.55 11.57 -28.55
CA GLY A 113 -5.23 10.90 -29.79
C GLY A 113 -3.84 10.30 -29.77
N LYS A 114 -3.39 9.91 -28.58
CA LYS A 114 -2.01 9.45 -28.39
C LYS A 114 -1.92 7.97 -28.07
N SER A 115 -1.19 7.24 -28.91
CA SER A 115 -0.93 5.81 -28.69
CA SER A 115 -0.95 5.82 -28.67
C SER A 115 0.39 5.62 -27.96
N ASN A 116 0.57 4.44 -27.37
CA ASN A 116 1.80 4.14 -26.63
C ASN A 116 2.17 5.22 -25.62
N ALA A 117 1.15 5.76 -24.95
CA ALA A 117 1.40 6.78 -23.93
C ALA A 117 2.17 6.12 -22.79
N THR A 118 3.22 6.80 -22.32
CA THR A 118 4.08 6.27 -21.27
C THR A 118 4.03 7.19 -20.07
N ASN A 119 4.70 6.80 -18.99
CA ASN A 119 4.84 7.69 -17.84
C ASN A 119 5.54 9.00 -18.21
N ALA A 120 6.46 8.95 -19.17
CA ALA A 120 7.13 10.17 -19.60
C ALA A 120 6.15 11.12 -20.27
N ASP A 121 5.20 10.57 -21.02
CA ASP A 121 4.18 11.37 -21.68
C ASP A 121 3.24 11.98 -20.65
N MSE A 122 2.95 11.22 -19.60
CA MSE A 122 2.11 11.71 -18.50
C MSE A 122 2.79 12.86 -17.77
O MSE A 122 2.15 13.85 -17.43
CB MSE A 122 1.82 10.57 -17.53
CG MSE A 122 0.80 10.92 -16.46
SE MSE A 122 0.58 9.41 -15.24
CE MSE A 122 2.37 9.39 -14.43
N LEU A 123 4.09 12.71 -17.51
CA LEU A 123 4.88 13.77 -16.89
C LEU A 123 4.85 15.02 -17.76
N ALA A 124 5.07 14.87 -19.06
CA ALA A 124 5.06 16.01 -19.97
C ALA A 124 3.69 16.72 -19.96
N TRP A 125 2.63 15.95 -19.87
CA TRP A 125 1.29 16.53 -19.85
C TRP A 125 1.09 17.32 -18.56
N GLY A 126 1.53 16.74 -17.45
CA GLY A 126 1.44 17.42 -16.16
C GLY A 126 2.20 18.73 -16.19
N VAL A 127 3.42 18.71 -16.74
CA VAL A 127 4.21 19.94 -16.88
C VAL A 127 3.48 20.97 -17.75
N GLN A 128 2.93 20.51 -18.87
CA GLN A 128 2.19 21.37 -19.80
C GLN A 128 1.04 22.11 -19.14
N VAL A 129 0.23 21.39 -18.38
CA VAL A 129 -1.00 21.99 -17.87
C VAL A 129 -0.84 22.71 -16.53
N THR A 130 0.24 22.44 -15.79
CA THR A 130 0.45 23.10 -14.50
C THR A 130 1.51 24.19 -14.54
N GLY A 131 2.47 24.07 -15.46
CA GLY A 131 3.59 25.01 -15.50
C GLY A 131 4.63 24.71 -14.44
N VAL A 132 4.44 23.61 -13.72
CA VAL A 132 5.41 23.14 -12.73
C VAL A 132 6.50 22.34 -13.44
N THR A 133 7.76 22.53 -13.06
CA THR A 133 8.86 21.83 -13.72
C THR A 133 8.86 20.32 -13.49
N ALA A 134 9.38 19.58 -14.48
CA ALA A 134 9.36 18.13 -14.47
C ALA A 134 9.95 17.54 -13.20
N GLY A 135 11.01 18.15 -12.69
CA GLY A 135 11.68 17.64 -11.50
C GLY A 135 10.84 17.71 -10.24
N ASN A 136 9.83 18.56 -10.25
CA ASN A 136 8.95 18.72 -9.10
C ASN A 136 7.69 17.86 -9.16
N PHE A 137 7.68 16.87 -10.04
CA PHE A 137 6.60 15.89 -10.08
C PHE A 137 7.10 14.53 -9.67
N GLN A 138 6.24 13.78 -9.00
CA GLN A 138 6.34 12.34 -9.01
C GLN A 138 5.49 11.90 -10.20
N ALA A 139 6.08 11.10 -11.09
CA ALA A 139 5.36 10.61 -12.25
C ALA A 139 5.77 9.18 -12.52
N ASP A 140 5.00 8.24 -11.98
CA ASP A 140 5.28 6.82 -12.16
C ASP A 140 3.99 6.02 -12.19
N ASP A 141 4.10 4.70 -12.10
CA ASP A 141 2.91 3.85 -12.19
C ASP A 141 1.90 4.08 -11.06
N THR A 142 2.35 4.71 -9.98
CA THR A 142 1.51 4.88 -8.79
C THR A 142 0.86 6.28 -8.67
N ALA A 143 1.39 7.26 -9.39
CA ALA A 143 0.91 8.64 -9.20
C ALA A 143 1.45 9.62 -10.23
N LEU A 144 0.64 10.64 -10.52
CA LEU A 144 1.16 11.90 -11.04
C LEU A 144 0.87 12.92 -9.94
N ASP A 145 1.91 13.46 -9.32
CA ASP A 145 1.69 14.38 -8.20
C ASP A 145 2.69 15.53 -8.20
N PRO A 146 2.19 16.77 -8.28
CA PRO A 146 3.08 17.93 -8.24
C PRO A 146 3.55 18.16 -6.80
N TYR A 147 4.81 18.52 -6.61
CA TYR A 147 5.36 18.81 -5.28
C TYR A 147 5.04 17.74 -4.23
N PRO A 148 5.49 16.50 -4.45
CA PRO A 148 5.13 15.42 -3.51
C PRO A 148 5.64 15.61 -2.09
N SER A 149 6.66 16.45 -1.87
CA SER A 149 7.17 16.66 -0.51
C SER A 149 6.54 17.85 0.20
N LYS A 150 5.79 18.68 -0.53
CA LYS A 150 5.16 19.85 0.08
C LYS A 150 3.94 19.44 0.89
N SER A 151 3.57 20.26 1.86
CA SER A 151 2.32 20.05 2.59
C SER A 151 1.16 19.98 1.61
N ARG A 152 0.17 19.15 1.91
CA ARG A 152 -0.97 19.01 1.00
C ARG A 152 -1.76 20.31 0.85
N SER A 153 -1.65 21.20 1.84
CA SER A 153 -2.35 22.48 1.77
C SER A 153 -1.46 23.63 1.27
N ASP A 154 -0.23 23.31 0.85
CA ASP A 154 0.67 24.32 0.28
C ASP A 154 0.00 25.04 -0.89
N LYS A 155 0.14 26.35 -0.93
CA LYS A 155 -0.54 27.16 -1.96
C LYS A 155 -0.16 26.73 -3.37
N ASN A 156 1.12 26.53 -3.62
CA ASN A 156 1.57 26.16 -4.96
C ASN A 156 1.19 24.73 -5.32
N LYS A 157 1.22 23.83 -4.34
CA LYS A 157 0.75 22.47 -4.59
C LYS A 157 -0.73 22.46 -4.95
N ARG A 158 -1.55 23.16 -4.15
CA ARG A 158 -2.98 23.24 -4.45
C ARG A 158 -3.24 23.92 -5.80
N ALA A 159 -2.44 24.92 -6.14
CA ALA A 159 -2.60 25.57 -7.45
C ALA A 159 -2.37 24.61 -8.61
N ALA A 160 -1.36 23.75 -8.49
CA ALA A 160 -1.06 22.81 -9.56
C ALA A 160 -2.15 21.74 -9.64
N LEU A 161 -2.63 21.26 -8.49
CA LEU A 161 -3.70 20.26 -8.51
C LEU A 161 -4.96 20.86 -9.13
N THR A 162 -5.18 22.14 -8.88
CA THR A 162 -6.30 22.86 -9.46
C THR A 162 -6.18 22.92 -10.98
N LYS A 163 -4.97 23.16 -11.49
CA LYS A 163 -4.75 23.20 -12.94
C LYS A 163 -4.99 21.83 -13.59
N ILE A 164 -4.62 20.77 -12.89
CA ILE A 164 -4.90 19.43 -13.39
C ILE A 164 -6.42 19.19 -13.49
N CYS A 165 -7.15 19.56 -12.45
CA CYS A 165 -8.61 19.51 -12.52
C CYS A 165 -9.15 20.35 -13.67
N GLY A 166 -8.60 21.56 -13.84
CA GLY A 166 -9.01 22.42 -14.94
C GLY A 166 -8.83 21.75 -16.29
N ALA A 167 -7.71 21.07 -16.48
CA ALA A 167 -7.40 20.44 -17.77
C ALA A 167 -8.38 19.30 -18.04
N LEU A 168 -8.71 18.54 -17.02
CA LEU A 168 -9.64 17.42 -17.20
C LEU A 168 -11.03 17.96 -17.49
N GLN A 169 -11.45 19.01 -16.79
CA GLN A 169 -12.75 19.60 -17.06
C GLN A 169 -12.79 20.31 -18.41
N SER A 170 -11.65 20.82 -18.87
CA SER A 170 -11.57 21.39 -20.21
C SER A 170 -11.81 20.33 -21.26
N ALA A 171 -11.32 19.11 -20.98
CA ALA A 171 -11.59 17.96 -21.85
C ALA A 171 -13.08 17.63 -21.87
N PHE A 172 -13.73 17.62 -20.71
CA PHE A 172 -15.18 17.42 -20.67
C PHE A 172 -15.91 18.49 -21.49
N ASP A 173 -15.47 19.74 -21.37
CA ASP A 173 -16.19 20.84 -22.02
C ASP A 173 -15.97 20.86 -23.53
N THR A 174 -14.76 20.57 -23.98
CA THR A 174 -14.44 20.67 -25.41
C THR A 174 -14.72 19.39 -26.18
N GLN A 175 -14.61 18.25 -25.50
CA GLN A 175 -14.77 16.96 -26.17
C GLN A 175 -15.57 16.03 -25.28
N GLN A 176 -16.82 16.37 -24.98
CA GLN A 176 -17.57 15.62 -23.99
C GLN A 176 -17.64 14.14 -24.31
N ASP A 177 -17.97 13.80 -25.56
CA ASP A 177 -18.13 12.38 -25.91
C ASP A 177 -16.82 11.59 -25.76
N LYS A 178 -15.71 12.13 -26.25
CA LYS A 178 -14.41 11.47 -26.12
C LYS A 178 -13.98 11.34 -24.67
N TYR A 179 -14.26 12.37 -23.88
CA TYR A 179 -13.89 12.34 -22.46
C TYR A 179 -14.73 11.32 -21.71
N VAL A 180 -16.03 11.32 -21.97
CA VAL A 180 -16.91 10.31 -21.42
C VAL A 180 -16.46 8.91 -21.85
N MSE A 181 -16.11 8.74 -23.13
CA MSE A 181 -15.60 7.45 -23.59
C MSE A 181 -14.32 7.05 -22.84
O MSE A 181 -14.13 5.87 -22.54
CB MSE A 181 -15.35 7.46 -25.10
CG MSE A 181 -16.63 7.49 -25.91
SE MSE A 181 -16.20 7.96 -27.75
CE MSE A 181 -15.15 6.38 -28.19
N SER A 182 -13.46 8.00 -22.50
CA SER A 182 -12.24 7.67 -21.76
C SER A 182 -12.57 7.09 -20.38
N HIS A 183 -13.62 7.62 -19.77
CA HIS A 183 -14.03 7.08 -18.46
C HIS A 183 -14.71 5.72 -18.60
N TYR A 184 -15.52 5.54 -19.64
CA TYR A 184 -16.05 4.20 -19.89
C TYR A 184 -14.92 3.21 -20.12
N ALA A 185 -13.91 3.62 -20.88
CA ALA A 185 -12.77 2.74 -21.18
C ALA A 185 -11.99 2.36 -19.93
N HIS A 186 -11.84 3.32 -19.02
CA HIS A 186 -11.15 3.06 -17.75
C HIS A 186 -11.98 2.12 -16.90
N ILE A 187 -13.29 2.34 -16.85
CA ILE A 187 -14.15 1.45 -16.10
C ILE A 187 -14.02 0.03 -16.69
N ASP A 188 -13.96 -0.05 -18.00
CA ASP A 188 -13.78 -1.36 -18.67
C ASP A 188 -12.47 -2.04 -18.26
N GLN A 189 -11.37 -1.31 -18.34
CA GLN A 189 -10.06 -1.91 -18.10
C GLN A 189 -9.71 -2.08 -16.63
N ASP A 190 -10.15 -1.15 -15.79
CA ASP A 190 -9.80 -1.16 -14.37
C ASP A 190 -10.82 -1.88 -13.50
N LYS A 191 -12.07 -1.97 -13.95
CA LYS A 191 -13.11 -2.58 -13.15
C LYS A 191 -13.66 -3.84 -13.81
N LEU A 192 -14.14 -3.74 -15.05
CA LEU A 192 -14.79 -4.90 -15.67
C LEU A 192 -13.85 -6.06 -15.93
N VAL A 193 -12.70 -5.78 -16.54
CA VAL A 193 -11.76 -6.87 -16.85
C VAL A 193 -11.32 -7.67 -15.60
N PRO A 194 -10.89 -6.98 -14.51
CA PRO A 194 -10.58 -7.77 -13.30
C PRO A 194 -11.77 -8.57 -12.77
N VAL A 195 -12.97 -8.02 -12.87
CA VAL A 195 -14.19 -8.73 -12.45
C VAL A 195 -14.37 -10.00 -13.29
N LEU A 196 -14.23 -9.87 -14.61
CA LEU A 196 -14.41 -11.02 -15.50
C LEU A 196 -13.34 -12.09 -15.26
N ASN A 197 -12.08 -11.65 -15.12
CA ASN A 197 -11.00 -12.59 -14.83
C ASN A 197 -11.22 -13.33 -13.50
N ALA A 198 -11.63 -12.58 -12.47
CA ALA A 198 -11.84 -13.18 -11.15
C ALA A 198 -12.98 -14.17 -11.18
N LEU A 199 -14.08 -13.81 -11.84
CA LEU A 199 -15.24 -14.70 -11.91
C LEU A 199 -14.89 -15.97 -12.69
N LYS A 200 -14.12 -15.81 -13.76
CA LYS A 200 -13.69 -16.96 -14.56
C LYS A 200 -12.88 -17.92 -13.70
N GLY A 201 -12.03 -17.37 -12.84
CA GLY A 201 -11.18 -18.16 -11.97
C GLY A 201 -11.94 -19.07 -11.03
N ILE A 202 -13.17 -18.68 -10.67
CA ILE A 202 -13.99 -19.50 -9.78
C ILE A 202 -15.16 -20.19 -10.50
N GLY A 203 -15.12 -20.20 -11.83
CA GLY A 203 -16.05 -21.01 -12.60
C GLY A 203 -17.24 -20.35 -13.28
N PHE A 204 -17.31 -19.01 -13.24
CA PHE A 204 -18.44 -18.31 -13.86
C PHE A 204 -17.99 -17.51 -15.09
N THR A 205 -18.59 -17.81 -16.23
CA THR A 205 -18.19 -17.21 -17.50
C THR A 205 -19.35 -16.70 -18.33
N ALA A 206 -20.57 -17.08 -17.96
CA ALA A 206 -21.75 -16.75 -18.74
C ALA A 206 -22.76 -16.02 -17.86
N PHE A 207 -23.29 -14.89 -18.35
CA PHE A 207 -24.02 -13.98 -17.47
C PHE A 207 -25.41 -13.57 -17.95
N ASP A 208 -25.91 -14.26 -18.96
CA ASP A 208 -27.22 -13.92 -19.53
C ASP A 208 -28.37 -14.32 -18.61
N ARG A 209 -28.18 -15.38 -17.82
CA ARG A 209 -29.22 -15.87 -16.91
C ARG A 209 -28.91 -15.50 -15.46
N TYR A 210 -27.66 -15.74 -15.05
CA TYR A 210 -27.21 -15.44 -13.68
C TYR A 210 -26.13 -14.39 -13.72
N ASN A 211 -26.53 -13.13 -13.57
CA ASN A 211 -25.62 -12.00 -13.78
C ASN A 211 -24.83 -11.66 -12.52
N LEU A 212 -23.78 -12.44 -12.27
CA LEU A 212 -22.95 -12.24 -11.10
C LEU A 212 -22.02 -11.04 -11.27
N VAL A 213 -21.82 -10.61 -12.50
CA VAL A 213 -21.04 -9.41 -12.76
C VAL A 213 -21.70 -8.22 -12.06
N GLY A 214 -23.03 -8.21 -12.03
CA GLY A 214 -23.76 -7.14 -11.37
C GLY A 214 -23.39 -6.96 -9.90
N LEU A 215 -23.19 -8.06 -9.20
CA LEU A 215 -22.79 -7.99 -7.80
C LEU A 215 -21.30 -7.68 -7.66
N ALA A 216 -20.49 -8.35 -8.47
CA ALA A 216 -19.04 -8.21 -8.36
C ALA A 216 -18.59 -6.81 -8.81
N PHE A 217 -19.34 -6.21 -9.72
CA PHE A 217 -18.94 -4.92 -10.27
C PHE A 217 -18.92 -3.85 -9.17
N GLN A 218 -19.98 -3.77 -8.38
CA GLN A 218 -20.02 -2.82 -7.28
C GLN A 218 -18.89 -3.05 -6.29
N VAL A 219 -18.61 -4.32 -6.00
CA VAL A 219 -17.50 -4.63 -5.08
C VAL A 219 -16.17 -4.15 -5.65
N GLN A 220 -15.97 -4.34 -6.95
CA GLN A 220 -14.72 -3.93 -7.56
C GLN A 220 -14.58 -2.41 -7.58
N VAL A 221 -15.66 -1.70 -7.91
CA VAL A 221 -15.61 -0.23 -7.91
C VAL A 221 -15.30 0.34 -6.51
N ASN A 222 -15.88 -0.27 -5.48
CA ASN A 222 -15.72 0.20 -4.11
C ASN A 222 -14.40 -0.22 -3.46
N THR A 223 -13.98 -1.46 -3.71
CA THR A 223 -12.82 -2.03 -3.00
C THR A 223 -11.55 -2.17 -3.85
N GLY A 224 -11.71 -2.28 -5.17
CA GLY A 224 -10.60 -2.55 -6.06
C GLY A 224 -9.93 -3.88 -5.78
N SER A 225 -10.64 -4.78 -5.10
CA SER A 225 -10.03 -6.02 -4.64
C SER A 225 -10.82 -7.28 -5.02
N ILE A 226 -11.46 -7.26 -6.18
CA ILE A 226 -12.33 -8.37 -6.61
C ILE A 226 -11.55 -9.68 -6.80
N GLY A 227 -10.24 -9.59 -7.00
CA GLY A 227 -9.44 -10.80 -7.13
C GLY A 227 -9.55 -11.68 -5.90
N SER A 228 -9.89 -11.07 -4.77
CA SER A 228 -10.08 -11.77 -3.51
C SER A 228 -11.20 -12.82 -3.53
N ILE A 229 -12.06 -12.79 -4.54
CA ILE A 229 -13.16 -13.77 -4.58
C ILE A 229 -12.67 -15.19 -4.84
N SER A 230 -11.39 -15.35 -5.12
CA SER A 230 -10.79 -16.68 -5.31
C SER A 230 -11.05 -17.59 -4.10
N ALA A 231 -11.29 -16.97 -2.94
CA ALA A 231 -11.60 -17.71 -1.72
C ALA A 231 -12.86 -18.58 -1.86
N PHE A 232 -13.76 -18.21 -2.77
CA PHE A 232 -14.98 -18.99 -2.96
C PHE A 232 -14.72 -20.43 -3.44
N SER A 233 -13.60 -20.65 -4.12
CA SER A 233 -13.27 -22.01 -4.58
C SER A 233 -13.19 -22.98 -3.41
N SER A 234 -12.55 -22.55 -2.32
CA SER A 234 -12.44 -23.39 -1.11
C SER A 234 -13.79 -23.60 -0.44
N VAL A 235 -14.60 -22.54 -0.44
CA VAL A 235 -15.93 -22.58 0.13
C VAL A 235 -16.79 -23.62 -0.59
N LYS A 236 -16.72 -23.61 -1.92
CA LYS A 236 -17.52 -24.53 -2.73
C LYS A 236 -17.02 -25.96 -2.56
N SER A 237 -15.71 -26.13 -2.62
CA SER A 237 -15.09 -27.45 -2.42
C SER A 237 -15.39 -28.05 -1.05
N ALA A 238 -15.50 -27.19 -0.04
CA ALA A 238 -15.79 -27.64 1.31
C ALA A 238 -17.25 -28.07 1.48
N GLY A 239 -18.08 -27.78 0.47
CA GLY A 239 -19.48 -28.16 0.52
C GLY A 239 -20.38 -27.15 1.21
N ASN A 240 -19.87 -25.94 1.44
CA ASN A 240 -20.64 -24.93 2.17
C ASN A 240 -21.96 -24.51 1.53
N CYS A 241 -22.10 -24.76 0.23
CA CYS A 241 -23.32 -24.33 -0.48
C CYS A 241 -24.52 -25.23 -0.22
N GLY A 242 -24.29 -26.49 0.10
CA GLY A 242 -25.41 -27.41 0.27
C GLY A 242 -26.32 -27.41 -0.95
N SER A 243 -27.61 -27.16 -0.73
CA SER A 243 -28.58 -27.22 -1.82
C SER A 243 -28.65 -25.94 -2.66
N LEU A 244 -27.90 -24.91 -2.26
CA LEU A 244 -27.89 -23.68 -3.06
C LEU A 244 -27.15 -23.93 -4.37
N SER A 245 -27.63 -23.34 -5.45
CA SER A 245 -26.89 -23.41 -6.71
C SER A 245 -25.56 -22.69 -6.57
N ALA A 246 -24.61 -23.00 -7.45
CA ALA A 246 -23.30 -22.36 -7.40
C ALA A 246 -23.45 -20.85 -7.49
N GLU A 247 -24.34 -20.40 -8.35
CA GLU A 247 -24.55 -18.97 -8.56
C GLU A 247 -25.19 -18.27 -7.37
N THR A 248 -26.26 -18.87 -6.83
CA THR A 248 -26.92 -18.30 -5.66
C THR A 248 -25.99 -18.34 -4.46
N CYS A 249 -25.25 -19.43 -4.33
CA CYS A 249 -24.29 -19.54 -3.25
C CYS A 249 -23.24 -18.43 -3.32
N PHE A 250 -22.66 -18.24 -4.50
CA PHE A 250 -21.68 -17.17 -4.66
C PHE A 250 -22.28 -15.78 -4.41
N ALA A 251 -23.47 -15.54 -4.92
CA ALA A 251 -24.12 -14.23 -4.73
C ALA A 251 -24.25 -13.94 -3.25
N THR A 252 -24.61 -14.96 -2.49
CA THR A 252 -24.80 -14.81 -1.05
C THR A 252 -23.45 -14.64 -0.34
N TYR A 253 -22.50 -15.49 -0.70
CA TYR A 253 -21.15 -15.42 -0.14
C TYR A 253 -20.53 -14.05 -0.36
N LEU A 254 -20.54 -13.59 -1.61
CA LEU A 254 -19.97 -12.28 -1.91
C LEU A 254 -20.65 -11.17 -1.11
N THR A 255 -21.98 -11.22 -1.02
CA THR A 255 -22.72 -10.21 -0.27
C THR A 255 -22.34 -10.22 1.21
N ASP A 256 -22.29 -11.41 1.82
CA ASP A 256 -21.84 -11.51 3.22
C ASP A 256 -20.45 -10.94 3.42
N GLN A 257 -19.54 -11.26 2.51
CA GLN A 257 -18.16 -10.83 2.62
C GLN A 257 -18.01 -9.32 2.45
N TYR A 258 -18.79 -8.76 1.52
CA TYR A 258 -18.81 -7.33 1.26
C TYR A 258 -19.38 -6.57 2.46
N ILE A 259 -20.46 -7.08 3.05
CA ILE A 259 -21.02 -6.50 4.28
C ILE A 259 -19.98 -6.52 5.39
N ARG A 260 -19.29 -7.65 5.54
CA ARG A 260 -18.21 -7.78 6.52
C ARG A 260 -17.18 -6.68 6.32
N TRP A 261 -16.78 -6.48 5.06
CA TRP A 261 -15.81 -5.45 4.70
C TRP A 261 -16.32 -4.05 5.03
N LEU A 262 -17.57 -3.76 4.68
CA LEU A 262 -18.15 -2.43 4.91
C LEU A 262 -18.31 -2.11 6.40
N LYS A 263 -18.73 -3.09 7.18
CA LYS A 263 -19.06 -2.87 8.59
C LYS A 263 -17.82 -2.70 9.47
N SER A 264 -16.71 -3.32 9.08
CA SER A 264 -15.53 -3.40 9.93
C SER A 264 -14.64 -2.17 9.94
N SER A 265 -14.37 -1.64 11.13
CA SER A 265 -13.44 -0.53 11.28
C SER A 265 -12.05 -0.92 10.76
N SER A 266 -11.77 -2.23 10.75
CA SER A 266 -10.47 -2.73 10.32
C SER A 266 -10.38 -2.98 8.81
N LEU A 267 -11.51 -2.91 8.12
CA LEU A 267 -11.53 -3.15 6.68
C LEU A 267 -11.99 -1.92 5.88
N GLY A 268 -13.22 -1.96 5.37
CA GLY A 268 -13.74 -0.84 4.60
C GLY A 268 -14.13 0.35 5.46
N ASP A 269 -14.53 0.07 6.70
CA ASP A 269 -14.92 1.11 7.66
C ASP A 269 -15.92 2.10 7.08
N ASP A 270 -16.98 1.57 6.48
CA ASP A 270 -18.05 2.40 5.95
C ASP A 270 -19.39 1.77 6.36
N PRO A 271 -19.63 1.68 7.69
CA PRO A 271 -20.82 0.97 8.16
C PRO A 271 -22.15 1.60 7.75
N ASP A 272 -22.19 2.93 7.62
CA ASP A 272 -23.42 3.60 7.20
C ASP A 272 -23.84 3.24 5.78
N ASN A 273 -22.93 2.65 5.02
CA ASN A 273 -23.22 2.24 3.64
C ASN A 273 -23.27 0.75 3.43
N CYS A 274 -23.35 -0.02 4.52
CA CYS A 274 -23.32 -1.48 4.38
C CYS A 274 -24.53 -2.00 3.61
N TRP A 275 -25.62 -1.25 3.63
CA TRP A 275 -26.86 -1.61 2.93
C TRP A 275 -26.68 -1.74 1.42
N ARG A 276 -25.66 -1.11 0.87
CA ARG A 276 -25.43 -1.19 -0.58
C ARG A 276 -25.16 -2.62 -1.03
N ALA A 277 -24.58 -3.42 -0.15
CA ALA A 277 -24.38 -4.83 -0.46
C ALA A 277 -25.70 -5.56 -0.51
N SER A 278 -26.56 -5.33 0.49
CA SER A 278 -27.86 -5.99 0.53
C SER A 278 -28.78 -5.54 -0.60
N MSE A 279 -28.64 -4.29 -1.02
CA MSE A 279 -29.42 -3.79 -2.15
C MSE A 279 -29.18 -4.64 -3.39
O MSE A 279 -30.11 -5.07 -4.08
CB MSE A 279 -29.05 -2.34 -2.47
CG MSE A 279 -29.68 -1.81 -3.77
SE MSE A 279 -28.86 -0.16 -4.34
CE MSE A 279 -27.03 -0.76 -4.55
N ALA A 280 -27.91 -4.89 -3.67
CA ALA A 280 -27.53 -5.61 -4.87
C ALA A 280 -28.03 -7.05 -4.82
N LEU A 281 -27.90 -7.70 -3.65
CA LEU A 281 -28.40 -9.07 -3.51
C LEU A 281 -29.91 -9.13 -3.66
N ASP A 282 -30.62 -8.13 -3.13
CA ASP A 282 -32.08 -8.08 -3.22
C ASP A 282 -32.51 -7.98 -4.69
N ILE A 283 -31.76 -7.20 -5.45
CA ILE A 283 -32.05 -7.05 -6.88
C ILE A 283 -31.82 -8.37 -7.62
N TYR A 284 -30.71 -9.03 -7.33
CA TYR A 284 -30.38 -10.34 -7.92
C TYR A 284 -31.46 -11.38 -7.60
N LYS A 285 -31.96 -11.37 -6.37
CA LYS A 285 -33.04 -12.27 -5.99
C LYS A 285 -34.36 -12.00 -6.74
N LYS A 286 -34.67 -10.74 -6.99
CA LYS A 286 -35.87 -10.45 -7.77
C LYS A 286 -35.67 -10.74 -9.25
N ASP A 287 -34.45 -10.52 -9.73
CA ASP A 287 -34.15 -10.68 -11.15
C ASP A 287 -32.70 -11.07 -11.32
N PRO A 288 -32.43 -12.38 -11.38
CA PRO A 288 -31.03 -12.83 -11.45
C PRO A 288 -30.32 -12.34 -12.71
N THR A 289 -31.06 -11.95 -13.75
CA THR A 289 -30.42 -11.40 -14.94
C THR A 289 -29.88 -10.00 -14.68
N MSE A 290 -30.35 -9.38 -13.59
CA MSE A 290 -30.04 -7.97 -13.29
C MSE A 290 -30.08 -7.13 -14.56
O MSE A 290 -29.13 -6.38 -14.86
CB MSE A 290 -28.69 -7.85 -12.57
CG MSE A 290 -28.67 -8.64 -11.25
SE MSE A 290 -27.07 -8.38 -10.18
CE MSE A 290 -27.61 -6.76 -9.20
N GLY A 291 -31.16 -7.26 -15.32
CA GLY A 291 -31.25 -6.65 -16.63
C GLY A 291 -32.41 -5.69 -16.78
N SER A 292 -32.88 -5.17 -15.65
CA SER A 292 -34.00 -4.23 -15.65
C SER A 292 -33.76 -3.07 -14.69
N VAL A 293 -33.59 -1.87 -15.22
CA VAL A 293 -33.40 -0.70 -14.38
C VAL A 293 -34.69 -0.46 -13.57
N SER A 294 -35.81 -0.92 -14.10
CA SER A 294 -37.07 -0.82 -13.35
C SER A 294 -37.04 -1.57 -12.03
N VAL A 295 -36.53 -2.81 -12.06
CA VAL A 295 -36.39 -3.59 -10.85
C VAL A 295 -35.42 -2.91 -9.87
N VAL A 296 -34.34 -2.35 -10.41
CA VAL A 296 -33.39 -1.59 -9.57
C VAL A 296 -34.10 -0.47 -8.80
N ASN A 297 -34.91 0.32 -9.52
CA ASN A 297 -35.63 1.41 -8.90
C ASN A 297 -36.64 0.90 -7.87
N GLN A 298 -37.32 -0.18 -8.21
CA GLN A 298 -38.36 -0.75 -7.33
C GLN A 298 -37.75 -1.19 -6.01
N VAL A 299 -36.62 -1.89 -6.07
CA VAL A 299 -35.96 -2.36 -4.85
C VAL A 299 -35.45 -1.20 -4.00
N ILE A 300 -34.85 -0.20 -4.65
CA ILE A 300 -34.35 0.97 -3.94
C ILE A 300 -35.46 1.74 -3.23
N ASN A 301 -36.58 1.95 -3.93
CA ASN A 301 -37.66 2.73 -3.34
C ASN A 301 -38.38 1.99 -2.21
N ALA A 302 -38.42 0.66 -2.30
CA ALA A 302 -39.08 -0.15 -1.29
C ALA A 302 -38.26 -0.30 -0.01
N SER A 303 -36.95 -0.50 -0.15
CA SER A 303 -36.12 -0.96 0.97
C SER A 303 -34.90 -0.10 1.26
N TYR A 304 -34.55 0.80 0.36
CA TYR A 304 -33.37 1.62 0.57
C TYR A 304 -33.54 3.12 0.30
N PRO A 305 -34.69 3.70 0.67
CA PRO A 305 -34.82 5.13 0.37
C PRO A 305 -33.90 5.99 1.23
N GLY A 306 -33.59 7.18 0.75
CA GLY A 306 -32.73 8.10 1.46
C GLY A 306 -31.33 7.57 1.71
N ASN A 307 -30.84 6.77 0.77
CA ASN A 307 -29.50 6.19 0.87
C ASN A 307 -29.21 5.55 2.22
N SER A 308 -30.11 4.71 2.68
CA SER A 308 -29.85 3.95 3.90
C SER A 308 -30.70 2.70 3.90
N GLY A 309 -30.52 1.87 4.92
CA GLY A 309 -31.24 0.61 4.98
C GLY A 309 -30.45 -0.34 5.87
N LYS A 310 -30.97 -1.54 6.02
CA LYS A 310 -30.29 -2.54 6.85
C LYS A 310 -29.41 -3.43 5.99
N CYS A 311 -28.41 -4.05 6.61
CA CYS A 311 -27.52 -4.95 5.90
C CYS A 311 -27.42 -6.31 6.59
N PRO A 312 -28.53 -7.07 6.62
CA PRO A 312 -28.47 -8.40 7.24
C PRO A 312 -27.58 -9.34 6.44
N THR A 313 -26.82 -10.19 7.13
CA THR A 313 -26.05 -11.23 6.46
C THR A 313 -26.83 -12.55 6.55
N SER A 314 -26.39 -13.54 5.80
CA SER A 314 -27.17 -14.77 5.65
C SER A 314 -27.07 -15.69 6.86
N GLY A 315 -26.02 -15.53 7.65
CA GLY A 315 -25.79 -16.44 8.75
C GLY A 315 -25.07 -17.71 8.35
N ILE A 316 -24.92 -17.95 7.04
CA ILE A 316 -24.29 -19.17 6.56
C ILE A 316 -22.86 -19.28 7.05
N LYS A 317 -22.47 -20.46 7.50
CA LYS A 317 -21.10 -20.68 7.93
C LYS A 317 -20.21 -20.89 6.71
N TRP A 318 -19.26 -19.99 6.52
CA TRP A 318 -18.32 -20.10 5.41
C TRP A 318 -16.96 -20.54 5.93
N SER A 319 -16.34 -21.49 5.23
CA SER A 319 -15.09 -22.08 5.70
C SER A 319 -13.88 -21.16 5.48
N LYS A 320 -14.08 -20.12 4.69
CA LYS A 320 -12.98 -19.23 4.34
C LYS A 320 -13.54 -17.84 4.04
N ASN A 321 -12.98 -16.82 4.70
CA ASN A 321 -13.36 -15.46 4.37
C ASN A 321 -12.47 -14.90 3.28
N MSE A 322 -12.90 -13.81 2.66
CA MSE A 322 -12.06 -13.16 1.68
C MSE A 322 -10.99 -12.33 2.39
O MSE A 322 -11.27 -11.66 3.40
CB MSE A 322 -12.89 -12.27 0.74
CG MSE A 322 -13.69 -13.10 -0.25
SE MSE A 322 -15.06 -12.07 -1.20
CE MSE A 322 -13.90 -10.80 -2.07
N SER A 323 -9.78 -12.38 1.85
CA SER A 323 -8.69 -11.55 2.32
C SER A 323 -8.55 -10.37 1.37
N TRP A 324 -8.79 -9.17 1.88
CA TRP A 324 -8.90 -7.97 1.06
C TRP A 324 -7.55 -7.29 0.79
N GLN A 325 -7.43 -6.71 -0.41
CA GLN A 325 -6.22 -6.08 -0.92
C GLN A 325 -5.16 -7.10 -1.31
N ALA B 16 25.43 -1.27 32.75
CA ALA B 16 25.78 -2.20 33.83
C ALA B 16 25.17 -3.60 33.63
N ALA B 17 24.69 -3.88 32.43
CA ALA B 17 24.08 -5.19 32.15
C ALA B 17 24.66 -5.83 30.90
N ALA B 18 24.64 -7.16 30.86
CA ALA B 18 25.08 -7.89 29.67
C ALA B 18 24.10 -7.64 28.53
N GLY B 19 24.62 -7.50 27.31
CA GLY B 19 23.76 -7.28 26.15
C GLY B 19 23.58 -8.57 25.37
N VAL B 20 22.83 -8.51 24.27
CA VAL B 20 22.68 -9.68 23.40
C VAL B 20 23.97 -9.91 22.62
N ILE B 21 24.10 -11.07 21.97
CA ILE B 21 25.33 -11.38 21.23
C ILE B 21 25.57 -10.33 20.17
N PRO B 22 26.84 -9.93 19.99
CA PRO B 22 27.18 -8.88 19.02
C PRO B 22 27.31 -9.44 17.62
N VAL B 23 27.40 -8.54 16.66
CA VAL B 23 27.48 -8.95 15.28
C VAL B 23 28.73 -9.80 15.05
N GLY B 24 29.78 -9.56 15.83
CA GLY B 24 31.06 -10.25 15.67
C GLY B 24 31.12 -11.65 16.27
N ASP B 25 30.05 -12.05 16.95
CA ASP B 25 29.93 -13.41 17.44
C ASP B 25 29.96 -14.36 16.24
N SER B 26 30.71 -15.46 16.36
CA SER B 26 30.85 -16.40 15.26
CA SER B 26 30.85 -16.39 15.25
C SER B 26 29.52 -16.92 14.72
N ARG B 27 28.48 -16.87 15.56
CA ARG B 27 27.17 -17.35 15.12
C ARG B 27 26.43 -16.36 14.22
N VAL B 28 26.87 -15.11 14.23
CA VAL B 28 26.15 -14.04 13.54
C VAL B 28 26.80 -13.62 12.21
N TYR B 29 27.81 -12.77 12.27
CA TYR B 29 28.45 -12.28 11.05
C TYR B 29 29.01 -13.40 10.20
N GLY B 30 28.65 -13.37 8.91
CA GLY B 30 29.12 -14.35 7.95
C GLY B 30 28.32 -15.65 7.96
N ALA B 31 27.49 -15.82 8.98
CA ALA B 31 26.70 -17.06 9.12
C ALA B 31 25.21 -16.81 8.87
N VAL B 32 24.59 -15.95 9.70
CA VAL B 32 23.18 -15.64 9.49
C VAL B 32 23.00 -14.19 9.05
N PHE B 33 24.06 -13.40 9.17
CA PHE B 33 24.00 -11.97 8.87
C PHE B 33 25.18 -11.56 8.00
N ASP B 34 24.90 -10.94 6.85
CA ASP B 34 25.92 -10.54 5.86
C ASP B 34 26.80 -11.74 5.49
N LYS B 35 26.18 -12.79 4.97
CA LYS B 35 26.92 -13.99 4.56
C LYS B 35 28.00 -13.67 3.54
N GLY B 36 27.73 -12.66 2.71
CA GLY B 36 28.69 -12.25 1.69
C GLY B 36 29.84 -11.43 2.23
N ARG B 37 29.79 -11.10 3.52
CA ARG B 37 30.83 -10.28 4.15
C ARG B 37 31.12 -9.01 3.35
N LYS B 38 30.04 -8.36 2.91
CA LYS B 38 30.16 -7.12 2.15
C LYS B 38 30.72 -6.00 3.02
N LEU B 39 30.37 -6.01 4.31
CA LEU B 39 31.00 -5.12 5.27
C LEU B 39 31.81 -5.97 6.25
N THR B 40 32.80 -5.35 6.90
CA THR B 40 33.58 -6.04 7.92
C THR B 40 32.84 -6.01 9.24
N VAL B 41 33.31 -6.80 10.20
CA VAL B 41 32.72 -6.78 11.54
C VAL B 41 32.79 -5.39 12.15
N ASN B 42 33.91 -4.71 11.95
CA ASN B 42 34.06 -3.40 12.57
C ASN B 42 33.16 -2.37 11.91
N GLN B 43 32.91 -2.55 10.62
CA GLN B 43 31.95 -1.68 9.94
C GLN B 43 30.54 -1.92 10.49
N TRP B 44 30.15 -3.18 10.66
CA TRP B 44 28.84 -3.45 11.25
C TRP B 44 28.72 -2.95 12.68
N GLN B 45 29.79 -3.11 13.47
CA GLN B 45 29.80 -2.57 14.82
C GLN B 45 29.51 -1.08 14.79
N ALA B 46 30.17 -0.35 13.88
CA ALA B 46 29.93 1.08 13.75
C ALA B 46 28.53 1.39 13.26
N VAL B 47 28.10 0.72 12.20
CA VAL B 47 26.81 1.02 11.59
C VAL B 47 25.63 0.69 12.50
N LEU B 48 25.65 -0.49 13.12
CA LEU B 48 24.57 -0.87 14.02
C LEU B 48 24.54 0.03 15.27
N SER B 49 25.72 0.40 15.77
CA SER B 49 25.80 1.31 16.93
C SER B 49 25.24 2.68 16.59
N MSE B 50 25.63 3.20 15.42
CA MSE B 50 25.10 4.47 14.95
C MSE B 50 23.59 4.47 14.83
O MSE B 50 22.90 5.39 15.31
CB MSE B 50 25.72 4.83 13.59
CG MSE B 50 25.29 6.20 13.08
SE MSE B 50 25.80 6.40 11.23
CE MSE B 50 24.44 5.28 10.44
N ASP B 51 23.05 3.43 14.19
CA ASP B 51 21.61 3.34 13.96
C ASP B 51 20.84 3.32 15.27
N ALA B 52 21.44 2.73 16.29
CA ALA B 52 20.77 2.58 17.58
C ALA B 52 20.55 3.93 18.26
N TYR B 53 21.39 4.91 17.93
CA TYR B 53 21.31 6.19 18.63
C TYR B 53 19.98 6.95 18.44
N PRO B 54 19.55 7.19 17.17
CA PRO B 54 18.27 7.88 17.02
C PRO B 54 17.11 7.02 17.49
N GLU B 55 17.28 5.69 17.41
CA GLU B 55 16.19 4.78 17.75
C GLU B 55 15.98 4.58 19.23
N ASN B 56 17.08 4.46 19.97
CA ASN B 56 17.06 4.04 21.37
C ASN B 56 17.78 5.01 22.33
N GLY B 57 18.44 6.04 21.78
CA GLY B 57 19.10 7.04 22.59
C GLY B 57 20.47 6.64 23.09
N THR B 58 21.00 5.54 22.56
CA THR B 58 22.34 5.08 22.92
C THR B 58 22.97 4.41 21.71
N THR B 59 24.29 4.41 21.64
CA THR B 59 24.98 3.64 20.58
C THR B 59 25.11 2.16 20.96
N ASN B 60 24.68 1.80 22.16
CA ASN B 60 24.74 0.41 22.62
C ASN B 60 23.63 -0.43 21.98
N TYR B 61 23.85 -0.86 20.74
CA TYR B 61 22.80 -1.55 19.99
C TYR B 61 22.45 -2.93 20.58
N GLN B 62 23.30 -3.46 21.45
CA GLN B 62 23.10 -4.79 22.04
C GLN B 62 22.23 -4.79 23.29
N GLU B 63 21.86 -3.61 23.78
CA GLU B 63 21.08 -3.51 25.02
C GLU B 63 19.83 -4.38 24.92
N VAL B 64 19.55 -5.17 25.96
CA VAL B 64 18.53 -6.22 25.82
C VAL B 64 17.12 -5.70 25.58
N GLY B 65 16.81 -4.52 26.10
CA GLY B 65 15.45 -3.97 26.03
C GLY B 65 14.83 -3.97 24.64
N PRO B 66 15.48 -3.29 23.69
CA PRO B 66 14.96 -3.28 22.32
C PRO B 66 14.84 -4.68 21.68
N TRP B 67 15.63 -5.66 22.12
CA TRP B 67 15.57 -6.99 21.50
C TRP B 67 14.41 -7.81 22.04
N ARG B 68 14.09 -7.64 23.32
CA ARG B 68 12.98 -8.36 23.93
C ARG B 68 11.66 -7.60 23.72
N TYR B 69 11.77 -6.33 23.33
CA TYR B 69 10.61 -5.45 23.12
C TYR B 69 9.49 -6.08 22.28
N CYS B 70 8.26 -5.99 22.80
CA CYS B 70 7.09 -6.34 22.01
C CYS B 70 5.93 -5.51 22.53
N GLU B 71 5.20 -4.88 21.62
CA GLU B 71 4.14 -3.98 22.02
C GLU B 71 2.88 -4.26 21.24
N VAL B 72 1.77 -4.39 21.96
CA VAL B 72 0.47 -4.56 21.32
C VAL B 72 -0.07 -3.23 20.81
N ASP B 73 -0.30 -3.15 19.50
CA ASP B 73 -0.91 -1.97 18.87
C ASP B 73 -0.23 -0.66 19.28
N TYR B 74 1.06 -0.57 18.98
CA TYR B 74 1.82 0.64 19.21
C TYR B 74 1.16 1.84 18.55
N GLU B 75 0.57 1.62 17.38
CA GLU B 75 -0.06 2.72 16.64
C GLU B 75 -1.20 3.37 17.42
N ALA B 76 -2.06 2.56 18.02
CA ALA B 76 -3.15 3.10 18.82
C ALA B 76 -2.63 3.91 20.00
N ALA B 77 -1.56 3.42 20.62
CA ALA B 77 -0.95 4.11 21.75
C ALA B 77 -0.37 5.45 21.33
N GLN B 78 -0.04 5.57 20.06
CA GLN B 78 0.60 6.78 19.53
C GLN B 78 -0.40 7.65 18.76
N GLY B 79 -1.65 7.20 18.70
CA GLY B 79 -2.68 7.94 17.99
C GLY B 79 -2.50 7.89 16.49
N ILE B 80 -1.94 6.78 16.01
CA ILE B 80 -1.77 6.55 14.57
C ILE B 80 -2.92 5.68 14.07
N SER B 81 -3.50 6.06 12.93
CA SER B 81 -4.68 5.37 12.40
C SER B 81 -4.38 4.00 11.79
N ASP B 82 -3.19 3.84 11.20
CA ASP B 82 -2.83 2.56 10.60
C ASP B 82 -2.79 1.45 11.64
N TYR B 83 -3.26 0.27 11.28
CA TYR B 83 -3.20 -0.87 12.19
C TYR B 83 -2.11 -1.84 11.73
N ARG B 84 -1.18 -2.16 12.62
CA ARG B 84 -0.09 -3.07 12.26
C ARG B 84 0.03 -4.27 13.18
N GLY B 85 -0.87 -4.37 14.17
CA GLY B 85 -0.85 -5.50 15.09
C GLY B 85 0.19 -5.32 16.19
N ASP B 86 1.06 -6.31 16.37
CA ASP B 86 2.15 -6.20 17.36
C ASP B 86 3.43 -5.74 16.69
N THR B 87 4.22 -4.93 17.41
CA THR B 87 5.51 -4.48 16.92
C THR B 87 6.58 -5.04 17.85
N PHE B 88 7.64 -5.62 17.31
CA PHE B 88 8.63 -6.28 18.20
C PHE B 88 10.07 -6.35 17.68
N GLY B 89 11.01 -6.50 18.60
CA GLY B 89 12.40 -6.67 18.28
C GLY B 89 13.08 -5.36 17.91
N PRO B 90 14.38 -5.42 17.61
CA PRO B 90 15.20 -4.23 17.41
C PRO B 90 14.87 -3.43 16.16
N VAL B 91 14.16 -4.01 15.20
CA VAL B 91 13.78 -3.23 14.00
C VAL B 91 12.26 -3.22 13.79
N GLY B 92 11.53 -3.56 14.84
CA GLY B 92 10.09 -3.37 14.86
C GLY B 92 9.36 -4.14 13.79
N VAL B 93 9.55 -5.46 13.77
CA VAL B 93 8.73 -6.35 12.93
C VAL B 93 7.28 -6.18 13.36
N THR B 94 6.36 -6.11 12.40
CA THR B 94 4.94 -5.98 12.71
C THR B 94 4.16 -7.21 12.22
N THR B 95 3.18 -7.65 13.01
CA THR B 95 2.42 -8.86 12.69
C THR B 95 1.55 -8.68 11.43
N VAL B 96 1.11 -7.45 11.19
CA VAL B 96 0.63 -7.07 9.86
C VAL B 96 1.77 -6.34 9.16
N GLY B 97 2.33 -6.97 8.13
CA GLY B 97 3.53 -6.44 7.50
C GLY B 97 4.55 -7.52 7.26
N ASP B 98 5.70 -7.41 7.93
CA ASP B 98 6.84 -8.28 7.63
C ASP B 98 6.90 -9.54 8.51
N PHE B 99 5.93 -9.72 9.40
CA PHE B 99 5.97 -10.90 10.27
C PHE B 99 5.97 -12.24 9.51
N PRO B 100 5.16 -12.38 8.45
CA PRO B 100 5.21 -13.70 7.81
C PRO B 100 6.59 -14.07 7.27
N ASP B 101 7.30 -13.12 6.67
CA ASP B 101 8.67 -13.38 6.24
C ASP B 101 9.57 -13.68 7.43
N TYR B 102 9.43 -12.89 8.49
CA TYR B 102 10.17 -13.14 9.71
C TYR B 102 9.90 -14.54 10.25
N PHE B 103 8.64 -14.94 10.27
CA PHE B 103 8.31 -16.24 10.82
C PHE B 103 8.86 -17.37 9.97
N LYS B 104 8.58 -17.31 8.67
CA LYS B 104 8.90 -18.44 7.81
C LYS B 104 10.39 -18.58 7.57
N LYS B 105 11.08 -17.44 7.47
CA LYS B 105 12.48 -17.45 7.09
C LYS B 105 13.47 -17.25 8.24
N ALA B 106 12.97 -16.95 9.44
CA ALA B 106 13.88 -16.65 10.56
C ALA B 106 13.46 -17.32 11.87
N PHE B 107 12.29 -16.97 12.38
CA PHE B 107 11.81 -17.55 13.64
C PHE B 107 11.65 -19.07 13.58
N ALA B 108 10.92 -19.57 12.59
CA ALA B 108 10.73 -21.02 12.49
C ALA B 108 12.05 -21.80 12.35
N PRO B 109 12.94 -21.38 11.43
CA PRO B 109 14.17 -22.15 11.31
C PRO B 109 15.07 -22.08 12.54
N TYR B 110 15.25 -20.91 13.13
CA TYR B 110 16.23 -20.75 14.21
C TYR B 110 15.67 -21.08 15.59
N VAL B 111 14.43 -20.67 15.86
CA VAL B 111 13.83 -20.92 17.17
C VAL B 111 13.07 -22.25 17.22
N LEU B 112 12.31 -22.54 16.18
CA LEU B 112 11.46 -23.73 16.20
C LEU B 112 12.14 -24.92 15.53
N GLY B 113 13.25 -24.67 14.85
CA GLY B 113 13.98 -25.74 14.18
C GLY B 113 13.21 -26.32 13.02
N LYS B 114 12.38 -25.48 12.40
CA LYS B 114 11.53 -25.86 11.29
C LYS B 114 12.02 -25.18 10.01
N SER B 115 12.49 -25.97 9.04
CA SER B 115 13.23 -25.42 7.90
C SER B 115 12.39 -25.01 6.69
N ASN B 116 11.20 -25.59 6.56
CA ASN B 116 10.37 -25.37 5.37
C ASN B 116 9.01 -24.79 5.72
N ALA B 117 8.99 -23.89 6.70
CA ALA B 117 7.72 -23.38 7.21
C ALA B 117 6.89 -22.64 6.17
N THR B 118 5.58 -22.88 6.21
CA THR B 118 4.62 -22.25 5.30
C THR B 118 3.65 -21.39 6.08
N ASN B 119 2.76 -20.71 5.36
CA ASN B 119 1.71 -19.93 6.00
C ASN B 119 0.82 -20.78 6.90
N ALA B 120 0.64 -22.05 6.53
CA ALA B 120 -0.17 -22.95 7.35
C ALA B 120 0.51 -23.25 8.67
N ASP B 121 1.84 -23.34 8.66
CA ASP B 121 2.60 -23.54 9.90
C ASP B 121 2.50 -22.30 10.77
N MSE B 122 2.52 -21.13 10.13
CA MSE B 122 2.34 -19.88 10.87
C MSE B 122 0.94 -19.80 11.48
O MSE B 122 0.77 -19.38 12.63
CB MSE B 122 2.59 -18.68 9.94
CG MSE B 122 2.52 -17.34 10.64
SE MSE B 122 2.81 -15.94 9.33
CE MSE B 122 1.24 -16.18 8.20
N LEU B 123 -0.07 -20.20 10.70
CA LEU B 123 -1.44 -20.27 11.22
C LEU B 123 -1.51 -21.16 12.45
N ALA B 124 -0.93 -22.35 12.34
CA ALA B 124 -0.96 -23.32 13.44
C ALA B 124 -0.29 -22.76 14.70
N TRP B 125 0.79 -22.02 14.51
CA TRP B 125 1.51 -21.40 15.63
C TRP B 125 0.63 -20.34 16.31
N GLY B 126 0.02 -19.47 15.50
CA GLY B 126 -0.92 -18.48 16.00
C GLY B 126 -2.04 -19.08 16.84
N VAL B 127 -2.63 -20.16 16.33
CA VAL B 127 -3.72 -20.82 17.02
C VAL B 127 -3.24 -21.38 18.36
N GLN B 128 -2.10 -22.05 18.35
CA GLN B 128 -1.53 -22.60 19.58
C GLN B 128 -1.33 -21.55 20.66
N VAL B 129 -0.68 -20.45 20.30
CA VAL B 129 -0.26 -19.48 21.33
C VAL B 129 -1.34 -18.51 21.79
N THR B 130 -2.43 -18.38 21.03
CA THR B 130 -3.53 -17.48 21.39
C THR B 130 -4.75 -18.23 21.92
N GLY B 131 -4.89 -19.49 21.56
CA GLY B 131 -6.10 -20.24 21.89
C GLY B 131 -7.29 -19.84 21.03
N VAL B 132 -7.03 -19.08 19.97
CA VAL B 132 -8.07 -18.61 19.05
C VAL B 132 -8.19 -19.58 17.88
N THR B 133 -9.42 -19.89 17.47
CA THR B 133 -9.64 -20.89 16.41
C THR B 133 -9.04 -20.45 15.08
N ALA B 134 -8.61 -21.42 14.28
CA ALA B 134 -8.00 -21.16 12.98
C ALA B 134 -8.87 -20.30 12.08
N GLY B 135 -10.18 -20.49 12.17
CA GLY B 135 -11.13 -19.76 11.35
C GLY B 135 -11.16 -18.27 11.64
N ASN B 136 -10.70 -17.88 12.83
CA ASN B 136 -10.69 -16.47 13.23
C ASN B 136 -9.30 -15.85 13.09
N PHE B 137 -8.53 -16.36 12.14
CA PHE B 137 -7.22 -15.79 11.82
C PHE B 137 -7.12 -15.39 10.36
N GLN B 138 -6.47 -14.27 10.10
CA GLN B 138 -5.87 -14.05 8.81
C GLN B 138 -4.45 -14.57 8.91
N ALA B 139 -4.06 -15.44 7.98
CA ALA B 139 -2.72 -16.00 7.96
C ALA B 139 -2.24 -16.12 6.52
N ASP B 140 -1.59 -15.08 6.02
CA ASP B 140 -1.07 -15.11 4.66
C ASP B 140 0.26 -14.38 4.54
N ASP B 141 0.71 -14.12 3.31
CA ASP B 141 2.01 -13.50 3.11
C ASP B 141 2.07 -12.08 3.67
N THR B 142 0.92 -11.47 3.91
CA THR B 142 0.87 -10.07 4.36
C THR B 142 0.62 -9.90 5.86
N ALA B 143 0.11 -10.93 6.52
CA ALA B 143 -0.29 -10.78 7.92
C ALA B 143 -0.54 -12.09 8.65
N LEU B 144 -0.24 -12.09 9.96
CA LEU B 144 -0.86 -13.02 10.88
C LEU B 144 -1.66 -12.15 11.82
N ASP B 145 -2.99 -12.20 11.74
CA ASP B 145 -3.80 -11.35 12.59
C ASP B 145 -5.00 -12.10 13.13
N PRO B 146 -5.15 -12.15 14.46
CA PRO B 146 -6.34 -12.76 15.06
C PRO B 146 -7.53 -11.81 14.95
N TYR B 147 -8.71 -12.36 14.72
CA TYR B 147 -9.93 -11.57 14.57
C TYR B 147 -9.76 -10.39 13.61
N PRO B 148 -9.44 -10.67 12.34
CA PRO B 148 -9.10 -9.58 11.43
C PRO B 148 -10.26 -8.59 11.20
N SER B 149 -11.50 -9.01 11.42
CA SER B 149 -12.64 -8.14 11.20
C SER B 149 -13.06 -7.35 12.45
N LYS B 150 -12.55 -7.75 13.62
CA LYS B 150 -12.90 -7.06 14.85
C LYS B 150 -12.17 -5.72 14.99
N SER B 151 -12.72 -4.83 15.81
CA SER B 151 -12.06 -3.58 16.15
C SER B 151 -10.72 -3.86 16.84
N ARG B 152 -9.72 -3.02 16.56
CA ARG B 152 -8.41 -3.16 17.19
C ARG B 152 -8.50 -3.10 18.73
N SER B 153 -9.54 -2.45 19.24
CA SER B 153 -9.69 -2.26 20.68
C SER B 153 -10.53 -3.35 21.35
N ASP B 154 -11.05 -4.29 20.57
CA ASP B 154 -11.80 -5.42 21.09
C ASP B 154 -10.97 -6.17 22.13
N LYS B 155 -11.57 -6.43 23.29
CA LYS B 155 -10.85 -7.06 24.41
C LYS B 155 -10.23 -8.40 24.04
N ASN B 156 -10.97 -9.23 23.33
CA ASN B 156 -10.46 -10.54 22.97
C ASN B 156 -9.40 -10.47 21.89
N LYS B 157 -9.52 -9.50 20.99
CA LYS B 157 -8.47 -9.29 20.01
C LYS B 157 -7.18 -8.82 20.68
N ARG B 158 -7.30 -7.86 21.59
CA ARG B 158 -6.10 -7.40 22.31
C ARG B 158 -5.48 -8.49 23.18
N ALA B 159 -6.31 -9.34 23.78
CA ALA B 159 -5.81 -10.48 24.54
C ALA B 159 -5.01 -11.44 23.65
N ALA B 160 -5.48 -11.66 22.43
CA ALA B 160 -4.77 -12.53 21.49
C ALA B 160 -3.44 -11.89 21.09
N LEU B 161 -3.48 -10.59 20.79
CA LEU B 161 -2.25 -9.88 20.41
C LEU B 161 -1.25 -9.92 21.57
N THR B 162 -1.76 -9.84 22.79
CA THR B 162 -0.90 -9.92 23.97
C THR B 162 -0.23 -11.30 24.11
N LYS B 163 -0.99 -12.36 23.87
CA LYS B 163 -0.42 -13.71 23.89
C LYS B 163 0.64 -13.91 22.81
N ILE B 164 0.46 -13.30 21.64
CA ILE B 164 1.48 -13.38 20.62
C ILE B 164 2.76 -12.70 21.09
N CYS B 165 2.63 -11.54 21.72
CA CYS B 165 3.79 -10.88 22.33
C CYS B 165 4.45 -11.75 23.38
N GLY B 166 3.64 -12.36 24.24
CA GLY B 166 4.16 -13.25 25.26
C GLY B 166 4.94 -14.42 24.68
N ALA B 167 4.48 -14.94 23.54
CA ALA B 167 5.14 -16.06 22.91
C ALA B 167 6.50 -15.68 22.34
N LEU B 168 6.57 -14.49 21.74
CA LEU B 168 7.84 -14.00 21.24
C LEU B 168 8.81 -13.73 22.39
N GLN B 169 8.31 -13.14 23.47
CA GLN B 169 9.16 -12.89 24.63
C GLN B 169 9.56 -14.18 25.33
N SER B 170 8.72 -15.21 25.28
CA SER B 170 9.08 -16.51 25.82
C SER B 170 10.23 -17.11 25.02
N ALA B 171 10.28 -16.83 23.72
CA ALA B 171 11.39 -17.27 22.90
C ALA B 171 12.67 -16.55 23.31
N PHE B 172 12.59 -15.23 23.52
CA PHE B 172 13.72 -14.47 24.02
C PHE B 172 14.21 -15.07 25.35
N ASP B 173 13.28 -15.41 26.22
CA ASP B 173 13.64 -15.94 27.54
C ASP B 173 14.22 -17.36 27.50
N THR B 174 13.62 -18.26 26.72
CA THR B 174 14.09 -19.66 26.73
C THR B 174 15.26 -19.93 25.78
N GLN B 175 15.37 -19.14 24.73
CA GLN B 175 16.39 -19.36 23.72
C GLN B 175 16.95 -18.02 23.26
N GLN B 176 17.56 -17.26 24.16
CA GLN B 176 17.95 -15.90 23.80
C GLN B 176 18.83 -15.82 22.54
N ASP B 177 19.87 -16.66 22.47
CA ASP B 177 20.78 -16.60 21.33
C ASP B 177 20.09 -16.94 20.00
N LYS B 178 19.30 -18.01 19.96
CA LYS B 178 18.59 -18.34 18.73
C LYS B 178 17.56 -17.28 18.33
N TYR B 179 16.86 -16.71 19.32
CA TYR B 179 15.89 -15.67 19.05
C TYR B 179 16.59 -14.42 18.52
N VAL B 180 17.69 -14.05 19.16
CA VAL B 180 18.47 -12.90 18.70
C VAL B 180 18.98 -13.17 17.28
N MSE B 181 19.46 -14.39 17.03
CA MSE B 181 19.88 -14.76 15.68
C MSE B 181 18.73 -14.63 14.66
O MSE B 181 18.96 -14.24 13.52
CB MSE B 181 20.46 -16.19 15.65
CG MSE B 181 21.84 -16.29 16.28
SE MSE B 181 22.26 -18.18 16.67
CE MSE B 181 22.22 -18.81 14.86
N SER B 182 17.51 -14.95 15.09
CA SER B 182 16.37 -14.86 14.17
C SER B 182 16.14 -13.41 13.76
N HIS B 183 16.36 -12.48 14.68
CA HIS B 183 16.26 -11.07 14.32
C HIS B 183 17.43 -10.57 13.46
N TYR B 184 18.65 -11.01 13.75
CA TYR B 184 19.79 -10.70 12.87
C TYR B 184 19.51 -11.25 11.46
N ALA B 185 18.96 -12.45 11.37
CA ALA B 185 18.67 -13.05 10.07
C ALA B 185 17.60 -12.27 9.31
N HIS B 186 16.59 -11.79 10.04
CA HIS B 186 15.54 -10.99 9.41
C HIS B 186 16.08 -9.64 8.96
N ILE B 187 16.97 -9.05 9.76
CA ILE B 187 17.59 -7.79 9.35
C ILE B 187 18.38 -8.03 8.07
N ASP B 188 19.09 -9.15 8.01
CA ASP B 188 19.84 -9.51 6.79
C ASP B 188 18.94 -9.59 5.56
N GLN B 189 17.84 -10.31 5.69
CA GLN B 189 16.98 -10.61 4.54
CA GLN B 189 17.01 -10.58 4.52
C GLN B 189 16.06 -9.44 4.15
N ASP B 190 15.58 -8.71 5.14
CA ASP B 190 14.60 -7.63 4.90
C ASP B 190 15.23 -6.24 4.77
N LYS B 191 16.42 -6.06 5.32
CA LYS B 191 17.07 -4.75 5.27
C LYS B 191 18.35 -4.78 4.41
N LEU B 192 19.28 -5.68 4.74
CA LEU B 192 20.57 -5.68 4.06
C LEU B 192 20.45 -6.09 2.58
N VAL B 193 19.75 -7.18 2.32
CA VAL B 193 19.62 -7.63 0.92
C VAL B 193 19.01 -6.57 -0.02
N PRO B 194 17.87 -5.95 0.37
CA PRO B 194 17.35 -4.87 -0.48
C PRO B 194 18.35 -3.71 -0.64
N VAL B 195 19.09 -3.40 0.42
CA VAL B 195 20.11 -2.34 0.33
C VAL B 195 21.20 -2.73 -0.68
N LEU B 196 21.68 -3.96 -0.59
CA LEU B 196 22.74 -4.41 -1.51
C LEU B 196 22.24 -4.42 -2.95
N ASN B 197 21.03 -4.92 -3.16
CA ASN B 197 20.45 -4.97 -4.50
C ASN B 197 20.26 -3.58 -5.09
N ALA B 198 19.80 -2.64 -4.26
CA ALA B 198 19.53 -1.29 -4.74
C ALA B 198 20.83 -0.55 -5.06
N LEU B 199 21.83 -0.71 -4.20
CA LEU B 199 23.12 -0.08 -4.43
C LEU B 199 23.79 -0.66 -5.69
N LYS B 200 23.66 -1.96 -5.88
CA LYS B 200 24.27 -2.58 -7.08
C LYS B 200 23.63 -2.01 -8.33
N GLY B 201 22.31 -1.77 -8.26
CA GLY B 201 21.57 -1.24 -9.39
C GLY B 201 22.06 0.11 -9.84
N ILE B 202 22.64 0.89 -8.93
CA ILE B 202 23.16 2.20 -9.29
C ILE B 202 24.69 2.23 -9.31
N GLY B 203 25.31 1.06 -9.27
CA GLY B 203 26.72 0.95 -9.52
C GLY B 203 27.67 0.83 -8.34
N PHE B 204 27.12 0.56 -7.15
CA PHE B 204 27.98 0.45 -5.98
C PHE B 204 27.90 -0.97 -5.44
N THR B 205 29.04 -1.66 -5.42
CA THR B 205 29.09 -3.08 -5.08
C THR B 205 30.15 -3.44 -4.04
N ALA B 206 31.11 -2.56 -3.83
CA ALA B 206 32.21 -2.82 -2.91
C ALA B 206 32.26 -1.73 -1.86
N PHE B 207 32.41 -2.10 -0.59
CA PHE B 207 32.21 -1.15 0.50
C PHE B 207 33.36 -1.02 1.49
N ASP B 208 34.51 -1.58 1.13
CA ASP B 208 35.67 -1.55 2.02
C ASP B 208 36.29 -0.17 2.11
N ARG B 209 36.17 0.64 1.06
CA ARG B 209 36.70 2.01 1.06
C ARG B 209 35.60 3.06 1.26
N TYR B 210 34.50 2.89 0.53
CA TYR B 210 33.42 3.85 0.58
C TYR B 210 32.17 3.14 1.03
N ASN B 211 31.93 3.18 2.34
CA ASN B 211 30.86 2.37 2.89
C ASN B 211 29.49 3.05 2.76
N LEU B 212 28.89 2.98 1.57
CA LEU B 212 27.59 3.59 1.35
C LEU B 212 26.47 2.78 2.00
N VAL B 213 26.76 1.52 2.32
CA VAL B 213 25.80 0.72 3.06
C VAL B 213 25.48 1.39 4.39
N GLY B 214 26.48 2.05 4.98
CA GLY B 214 26.30 2.70 6.26
C GLY B 214 25.31 3.84 6.20
N LEU B 215 25.12 4.46 5.03
CA LEU B 215 24.10 5.49 4.90
C LEU B 215 22.76 4.89 4.49
N ALA B 216 22.81 3.92 3.58
CA ALA B 216 21.60 3.34 3.03
C ALA B 216 20.86 2.47 4.05
N PHE B 217 21.61 1.82 4.93
CA PHE B 217 21.02 0.88 5.89
C PHE B 217 20.01 1.58 6.79
N GLN B 218 20.40 2.72 7.36
CA GLN B 218 19.48 3.51 8.18
C GLN B 218 18.23 3.90 7.40
N VAL B 219 18.41 4.33 6.14
CA VAL B 219 17.26 4.70 5.32
C VAL B 219 16.31 3.50 5.12
N GLN B 220 16.86 2.32 4.89
CA GLN B 220 16.02 1.14 4.66
C GLN B 220 15.28 0.73 5.93
N VAL B 221 15.96 0.78 7.06
CA VAL B 221 15.34 0.43 8.33
C VAL B 221 14.20 1.40 8.65
N ASN B 222 14.42 2.68 8.36
CA ASN B 222 13.45 3.72 8.70
C ASN B 222 12.29 3.85 7.71
N THR B 223 12.58 3.67 6.41
CA THR B 223 11.59 3.95 5.37
C THR B 223 11.06 2.71 4.64
N GLY B 224 11.84 1.64 4.63
CA GLY B 224 11.49 0.43 3.91
C GLY B 224 11.49 0.60 2.41
N SER B 225 12.08 1.69 1.94
CA SER B 225 11.94 2.08 0.53
C SER B 225 13.27 2.36 -0.18
N ILE B 226 14.31 1.61 0.15
CA ILE B 226 15.64 1.86 -0.40
C ILE B 226 15.71 1.62 -1.91
N GLY B 227 14.77 0.84 -2.45
CA GLY B 227 14.72 0.62 -3.89
C GLY B 227 14.58 1.92 -4.67
N SER B 228 14.04 2.93 -4.00
CA SER B 228 13.84 4.26 -4.57
C SER B 228 15.15 4.97 -4.94
N ILE B 229 16.30 4.47 -4.48
CA ILE B 229 17.57 5.11 -4.84
C ILE B 229 17.89 4.96 -6.33
N SER B 230 17.07 4.17 -7.04
CA SER B 230 17.20 4.04 -8.48
C SER B 230 17.20 5.41 -9.18
N ALA B 231 16.55 6.40 -8.57
CA ALA B 231 16.52 7.75 -9.12
C ALA B 231 17.92 8.35 -9.34
N PHE B 232 18.90 7.84 -8.60
CA PHE B 232 20.25 8.40 -8.69
C PHE B 232 20.85 8.22 -10.09
N SER B 233 20.45 7.17 -10.79
CA SER B 233 20.92 6.95 -12.16
CA SER B 233 20.94 6.96 -12.14
C SER B 233 20.57 8.12 -13.05
N SER B 234 19.38 8.68 -12.88
CA SER B 234 18.96 9.85 -13.67
C SER B 234 19.73 11.09 -13.26
N VAL B 235 19.94 11.24 -11.96
CA VAL B 235 20.71 12.35 -11.42
C VAL B 235 22.13 12.36 -11.99
N LYS B 236 22.77 11.19 -12.01
CA LYS B 236 24.12 11.11 -12.55
C LYS B 236 24.15 11.36 -14.07
N SER B 237 23.20 10.77 -14.79
CA SER B 237 23.13 10.95 -16.24
C SER B 237 22.86 12.41 -16.63
N ALA B 238 22.14 13.13 -15.77
CA ALA B 238 21.83 14.53 -16.01
C ALA B 238 23.00 15.45 -15.71
N GLY B 239 24.09 14.87 -15.17
CA GLY B 239 25.28 15.65 -14.85
C GLY B 239 25.23 16.39 -13.53
N ASN B 240 24.27 16.04 -12.68
CA ASN B 240 24.09 16.75 -11.41
C ASN B 240 25.29 16.67 -10.48
N CYS B 241 26.12 15.65 -10.67
CA CYS B 241 27.24 15.42 -9.76
C CYS B 241 28.43 16.29 -10.10
N GLY B 242 28.55 16.71 -11.35
CA GLY B 242 29.72 17.47 -11.75
C GLY B 242 31.01 16.72 -11.43
N SER B 243 31.95 17.41 -10.79
CA SER B 243 33.25 16.83 -10.52
C SER B 243 33.27 15.95 -9.28
N LEU B 244 32.15 15.85 -8.58
CA LEU B 244 32.12 14.98 -7.39
C LEU B 244 32.22 13.51 -7.79
N SER B 245 32.93 12.73 -6.98
CA SER B 245 32.97 11.29 -7.22
C SER B 245 31.57 10.71 -7.08
N ALA B 246 31.31 9.57 -7.72
CA ALA B 246 29.99 8.97 -7.68
C ALA B 246 29.60 8.67 -6.23
N GLU B 247 30.55 8.15 -5.44
CA GLU B 247 30.29 7.82 -4.05
C GLU B 247 29.96 9.04 -3.20
N THR B 248 30.73 10.11 -3.36
CA THR B 248 30.49 11.33 -2.59
C THR B 248 29.18 11.99 -3.02
N CYS B 249 28.94 11.99 -4.33
CA CYS B 249 27.68 12.52 -4.84
C CYS B 249 26.51 11.74 -4.28
N PHE B 250 26.60 10.41 -4.30
CA PHE B 250 25.48 9.62 -3.81
C PHE B 250 25.25 9.82 -2.31
N ALA B 251 26.34 9.86 -1.54
CA ALA B 251 26.22 10.06 -0.09
C ALA B 251 25.46 11.36 0.17
N THR B 252 25.78 12.38 -0.60
CA THR B 252 25.17 13.68 -0.41
C THR B 252 23.72 13.66 -0.90
N TYR B 253 23.50 13.07 -2.06
CA TYR B 253 22.15 12.92 -2.61
C TYR B 253 21.22 12.19 -1.65
N LEU B 254 21.65 11.02 -1.18
CA LEU B 254 20.81 10.21 -0.30
C LEU B 254 20.49 10.98 0.99
N THR B 255 21.48 11.68 1.52
CA THR B 255 21.29 12.44 2.75
C THR B 255 20.26 13.56 2.54
N ASP B 256 20.44 14.33 1.46
CA ASP B 256 19.47 15.35 1.09
C ASP B 256 18.07 14.76 0.95
N GLN B 257 17.97 13.61 0.28
CA GLN B 257 16.66 13.05 0.01
C GLN B 257 16.03 12.53 1.29
N TYR B 258 16.85 12.00 2.19
CA TYR B 258 16.36 11.44 3.45
C TYR B 258 15.92 12.58 4.37
N ILE B 259 16.66 13.69 4.38
CA ILE B 259 16.22 14.87 5.13
C ILE B 259 14.86 15.35 4.61
N ARG B 260 14.73 15.43 3.29
CA ARG B 260 13.47 15.81 2.65
C ARG B 260 12.31 14.91 3.12
N TRP B 261 12.57 13.61 3.19
CA TRP B 261 11.58 12.63 3.63
C TRP B 261 11.23 12.81 5.11
N LEU B 262 12.24 12.99 5.95
CA LEU B 262 12.02 13.14 7.40
C LEU B 262 11.23 14.42 7.71
N LYS B 263 11.53 15.49 6.99
CA LYS B 263 10.96 16.81 7.29
C LYS B 263 9.52 16.97 6.82
N SER B 264 9.16 16.25 5.77
CA SER B 264 7.89 16.49 5.08
C SER B 264 6.70 15.86 5.78
N SER B 265 5.68 16.67 6.04
CA SER B 265 4.45 16.17 6.63
C SER B 265 3.77 15.16 5.70
N SER B 266 4.10 15.23 4.42
CA SER B 266 3.50 14.35 3.42
C SER B 266 4.27 13.05 3.25
N LEU B 267 5.47 12.99 3.84
CA LEU B 267 6.32 11.81 3.71
C LEU B 267 6.57 11.12 5.05
N GLY B 268 7.79 11.21 5.56
CA GLY B 268 8.13 10.56 6.82
C GLY B 268 7.54 11.26 8.03
N ASP B 269 7.35 12.57 7.92
CA ASP B 269 6.75 13.37 8.99
C ASP B 269 7.39 13.12 10.36
N ASP B 270 8.72 13.17 10.38
CA ASP B 270 9.47 13.03 11.62
C ASP B 270 10.53 14.12 11.68
N PRO B 271 10.09 15.40 11.62
CA PRO B 271 11.06 16.50 11.50
C PRO B 271 12.02 16.61 12.70
N ASP B 272 11.59 16.22 13.89
CA ASP B 272 12.45 16.30 15.07
C ASP B 272 13.64 15.34 15.00
N ASN B 273 13.60 14.43 14.04
CA ASN B 273 14.71 13.49 13.87
C ASN B 273 15.43 13.65 12.55
N CYS B 274 15.24 14.79 11.88
CA CYS B 274 15.89 14.98 10.58
C CYS B 274 17.42 14.96 10.71
N TRP B 275 17.93 15.33 11.90
CA TRP B 275 19.36 15.30 12.19
C TRP B 275 20.00 13.91 12.01
N ARG B 276 19.22 12.83 12.08
CA ARG B 276 19.81 11.49 11.97
C ARG B 276 20.44 11.26 10.60
N ALA B 277 19.91 11.94 9.58
CA ALA B 277 20.50 11.87 8.25
C ALA B 277 21.86 12.57 8.20
N SER B 278 21.91 13.78 8.76
CA SER B 278 23.15 14.55 8.80
C SER B 278 24.22 13.87 9.64
N MSE B 279 23.80 13.23 10.72
CA MSE B 279 24.75 12.47 11.56
C MSE B 279 25.50 11.41 10.74
O MSE B 279 26.73 11.31 10.82
CB MSE B 279 24.00 11.79 12.73
CG MSE B 279 24.86 10.80 13.51
SE MSE B 279 23.80 9.59 14.62
CE MSE B 279 22.74 8.72 13.25
N ALA B 280 24.75 10.63 9.96
CA ALA B 280 25.36 9.58 9.15
C ALA B 280 26.31 10.18 8.12
N LEU B 281 25.92 11.26 7.48
CA LEU B 281 26.80 11.92 6.50
C LEU B 281 28.06 12.50 7.15
N ASP B 282 27.91 13.10 8.33
CA ASP B 282 29.06 13.62 9.07
C ASP B 282 30.05 12.48 9.38
N ILE B 283 29.52 11.32 9.75
CA ILE B 283 30.38 10.18 10.03
C ILE B 283 31.11 9.72 8.77
N TYR B 284 30.38 9.62 7.65
CA TYR B 284 30.95 9.23 6.37
C TYR B 284 32.06 10.19 5.94
N LYS B 285 31.90 11.47 6.21
CA LYS B 285 32.91 12.46 5.83
C LYS B 285 34.18 12.36 6.70
N LYS B 286 34.01 12.01 7.97
CA LYS B 286 35.13 11.79 8.88
C LYS B 286 35.87 10.51 8.52
N ASP B 287 35.09 9.49 8.16
CA ASP B 287 35.61 8.15 7.95
C ASP B 287 34.73 7.46 6.91
N PRO B 288 35.13 7.50 5.62
CA PRO B 288 34.27 6.93 4.59
C PRO B 288 34.09 5.43 4.71
N THR B 289 34.97 4.75 5.44
CA THR B 289 34.79 3.31 5.63
C THR B 289 33.68 3.06 6.64
N MSE B 290 33.33 4.09 7.41
CA MSE B 290 32.37 3.96 8.52
C MSE B 290 32.64 2.69 9.33
O MSE B 290 31.75 1.87 9.57
CB MSE B 290 30.92 4.01 8.01
CG MSE B 290 30.57 5.30 7.26
SE MSE B 290 28.70 5.44 6.68
CE MSE B 290 27.95 6.11 8.36
N GLY B 291 33.90 2.52 9.75
CA GLY B 291 34.33 1.27 10.36
C GLY B 291 34.84 1.47 11.76
N SER B 292 34.41 2.56 12.39
CA SER B 292 34.87 2.88 13.74
C SER B 292 33.75 3.35 14.65
N VAL B 293 33.39 2.54 15.64
CA VAL B 293 32.39 2.96 16.60
C VAL B 293 32.90 4.16 17.42
N SER B 294 34.23 4.29 17.54
CA SER B 294 34.79 5.47 18.20
C SER B 294 34.43 6.76 17.47
N VAL B 295 34.54 6.75 16.15
CA VAL B 295 34.18 7.91 15.33
C VAL B 295 32.69 8.22 15.48
N VAL B 296 31.88 7.17 15.50
CA VAL B 296 30.44 7.32 15.70
C VAL B 296 30.14 8.05 17.01
N ASN B 297 30.70 7.56 18.10
CA ASN B 297 30.53 8.20 19.40
C ASN B 297 31.01 9.65 19.43
N GLN B 298 32.14 9.92 18.77
CA GLN B 298 32.71 11.26 18.78
C GLN B 298 31.85 12.27 18.01
N VAL B 299 31.35 11.87 16.84
CA VAL B 299 30.47 12.73 16.06
C VAL B 299 29.16 13.00 16.81
N ILE B 300 28.60 11.96 17.41
CA ILE B 300 27.36 12.09 18.15
C ILE B 300 27.54 13.05 19.33
N ASN B 301 28.63 12.88 20.07
CA ASN B 301 28.87 13.72 21.23
C ASN B 301 29.11 15.19 20.88
N ALA B 302 29.85 15.42 19.79
CA ALA B 302 30.16 16.76 19.35
C ALA B 302 28.97 17.49 18.72
N SER B 303 28.21 16.78 17.87
CA SER B 303 27.25 17.45 17.01
C SER B 303 25.79 17.05 17.22
N TYR B 304 25.55 15.90 17.87
CA TYR B 304 24.18 15.43 18.05
C TYR B 304 23.82 14.99 19.47
N PRO B 305 24.30 15.74 20.49
CA PRO B 305 24.02 15.22 21.83
C PRO B 305 22.55 15.43 22.19
N GLY B 306 22.04 14.59 23.09
CA GLY B 306 20.65 14.71 23.52
C GLY B 306 19.65 14.41 22.43
N ASN B 307 20.03 13.54 21.49
CA ASN B 307 19.16 13.14 20.38
C ASN B 307 18.57 14.34 19.64
N SER B 308 19.44 15.26 19.27
CA SER B 308 18.98 16.44 18.56
C SER B 308 20.15 16.99 17.78
N GLY B 309 19.88 17.94 16.90
CA GLY B 309 20.94 18.54 16.12
C GLY B 309 20.38 19.19 14.87
N LYS B 310 21.25 19.81 14.11
CA LYS B 310 20.85 20.49 12.87
C LYS B 310 20.74 19.48 11.73
N CYS B 311 19.92 19.79 10.73
CA CYS B 311 19.88 18.95 9.52
C CYS B 311 19.99 19.79 8.24
N PRO B 312 21.15 20.42 8.05
CA PRO B 312 21.31 21.21 6.81
C PRO B 312 21.35 20.30 5.59
N THR B 313 20.87 20.79 4.45
CA THR B 313 21.05 20.08 3.18
C THR B 313 22.13 20.74 2.34
N SER B 314 22.53 20.10 1.25
CA SER B 314 23.72 20.56 0.51
C SER B 314 23.48 21.80 -0.34
N GLY B 315 22.22 22.06 -0.67
CA GLY B 315 21.90 23.13 -1.60
C GLY B 315 22.04 22.71 -3.05
N ILE B 316 22.51 21.48 -3.29
CA ILE B 316 22.72 21.02 -4.66
C ILE B 316 21.38 20.85 -5.37
N LYS B 317 21.31 21.25 -6.64
CA LYS B 317 20.09 21.09 -7.42
C LYS B 317 20.04 19.69 -8.01
N TRP B 318 19.03 18.90 -7.62
CA TRP B 318 18.91 17.55 -8.15
C TRP B 318 17.79 17.50 -9.19
N SER B 319 18.04 16.85 -10.32
CA SER B 319 17.07 16.82 -11.41
CA SER B 319 17.07 16.82 -11.40
C SER B 319 15.96 15.80 -11.17
N LYS B 320 16.20 14.88 -10.25
CA LYS B 320 15.18 13.87 -9.95
C LYS B 320 15.22 13.52 -8.48
N ASN B 321 14.07 13.62 -7.82
CA ASN B 321 13.98 13.23 -6.42
C ASN B 321 13.56 11.77 -6.29
N MSE B 322 13.79 11.19 -5.12
CA MSE B 322 13.36 9.82 -4.91
C MSE B 322 11.86 9.77 -4.73
O MSE B 322 11.27 10.63 -4.08
CB MSE B 322 14.09 9.20 -3.72
CG MSE B 322 15.56 8.94 -4.02
SE MSE B 322 16.60 8.56 -2.40
CE MSE B 322 15.64 6.98 -1.76
N SER B 323 11.24 8.75 -5.33
CA SER B 323 9.80 8.51 -5.16
C SER B 323 9.66 7.48 -4.06
N TRP B 324 9.01 7.85 -2.99
CA TRP B 324 8.98 6.97 -1.83
C TRP B 324 7.78 6.04 -1.82
N GLN B 325 8.05 4.76 -1.54
CA GLN B 325 7.00 3.75 -1.44
C GLN B 325 6.67 3.47 0.01
#